data_7BCZ
#
_entry.id   7BCZ
#
_cell.length_a   44.359
_cell.length_b   78.872
_cell.length_c   81.123
_cell.angle_alpha   85.62
_cell.angle_beta   84.62
_cell.angle_gamma   73.86
#
_symmetry.space_group_name_H-M   'P 1'
#
loop_
_entity.id
_entity.type
_entity.pdbx_description
1 polymer "4'-phosphopantetheinyl transferase EntD"
2 non-polymer 'COENZYME A'
3 non-polymer 'MAGNESIUM ION'
4 non-polymer 'SODIUM ION'
5 water water
#
_entity_poly.entity_id   1
_entity_poly.type   'polypeptide(L)'
_entity_poly.pdbx_seq_one_letter_code
;GSHMRAMNDRLPSFCTPLDDRWPLPVALPGVQLRSTRFDPALLQPGDFALAGIQPPANILRAVAKRQAEFLAGRLCARAA
LFALDGRAQTPAVGEDRAPVWPAAISGSITHGDRWAAALVAARGDWRGLGLDVETLLEAERARYLHGEILTEGERLRFAD
DLERRTGLLVTLAFSLKESLFKALYPLVGKRFYFEHAELLEWRADGQARLRLLTDLSPEWRHGSELDAQFAVLDGRLLSL
VAVGA
;
_entity_poly.pdbx_strand_id   A,B,C,D
#
loop_
_chem_comp.id
_chem_comp.type
_chem_comp.name
_chem_comp.formula
COA non-polymer 'COENZYME A' 'C21 H36 N7 O16 P3 S'
MG non-polymer 'MAGNESIUM ION' 'Mg 2'
NA non-polymer 'SODIUM ION' 'Na 1'
#
# COMPACT_ATOMS: atom_id res chain seq x y z
N HIS A 3 26.34 35.36 8.25
CA HIS A 3 27.21 34.33 8.79
C HIS A 3 27.44 33.21 7.77
N MET A 4 28.72 32.88 7.54
CA MET A 4 29.11 32.14 6.35
C MET A 4 28.76 30.67 6.39
N ARG A 5 28.82 30.02 7.56
CA ARG A 5 28.52 28.59 7.54
C ARG A 5 27.01 28.30 7.66
N ALA A 6 26.27 29.08 8.46
CA ALA A 6 24.83 28.88 8.51
C ALA A 6 24.16 29.08 7.15
N MET A 7 24.87 29.67 6.18
CA MET A 7 24.42 29.73 4.80
C MET A 7 25.08 28.67 3.93
N ASN A 8 25.69 27.66 4.55
CA ASN A 8 26.08 26.44 3.86
C ASN A 8 25.03 25.34 4.00
N ASP A 9 23.88 25.70 4.56
CA ASP A 9 22.79 24.78 4.73
C ASP A 9 21.70 24.96 3.69
N ARG A 10 22.04 25.05 2.41
CA ARG A 10 21.04 25.19 1.35
C ARG A 10 20.10 23.99 1.24
N LEU A 11 18.89 24.19 0.78
CA LEU A 11 17.90 23.15 0.71
C LEU A 11 18.18 22.09 -0.26
N PRO A 12 18.03 20.85 0.14
CA PRO A 12 18.19 19.75 -0.81
C PRO A 12 17.08 19.80 -1.85
N SER A 13 17.41 19.33 -3.06
CA SER A 13 16.56 19.58 -4.22
C SER A 13 15.21 18.89 -4.10
N PHE A 14 15.07 17.88 -3.25
CA PHE A 14 13.79 17.19 -3.14
C PHE A 14 12.73 18.02 -2.44
N CYS A 15 13.07 19.19 -1.93
CA CYS A 15 12.12 20.11 -1.31
C CYS A 15 11.99 21.37 -2.15
N THR A 16 10.78 21.93 -2.20
CA THR A 16 10.54 23.26 -2.71
C THR A 16 10.96 24.27 -1.64
N PRO A 17 11.18 25.54 -2.02
CA PRO A 17 11.63 26.52 -1.02
C PRO A 17 10.64 26.65 0.13
N LEU A 18 11.19 26.84 1.33
CA LEU A 18 10.39 26.83 2.55
C LEU A 18 9.41 27.99 2.55
N ASP A 19 8.12 27.66 2.62
CA ASP A 19 7.03 28.62 2.44
C ASP A 19 6.63 29.21 3.79
N ASP A 20 6.55 30.54 3.83
CA ASP A 20 6.17 31.28 5.03
C ASP A 20 4.73 31.77 5.01
N ARG A 21 3.98 31.47 3.95
CA ARG A 21 2.60 31.92 3.87
C ARG A 21 1.74 31.13 4.84
N TRP A 22 0.96 31.84 5.64
CA TRP A 22 0.07 31.21 6.62
C TRP A 22 -1.05 30.44 5.92
N PRO A 23 -1.14 29.13 6.10
CA PRO A 23 -2.17 28.33 5.42
C PRO A 23 -3.47 28.16 6.18
N LEU A 24 -3.68 28.87 7.28
CA LEU A 24 -4.83 28.67 8.15
C LEU A 24 -5.69 29.94 8.20
N PRO A 25 -6.95 29.81 8.61
CA PRO A 25 -7.85 30.99 8.57
C PRO A 25 -7.40 32.12 9.50
N VAL A 26 -7.15 31.84 10.77
CA VAL A 26 -6.83 32.86 11.76
C VAL A 26 -5.34 32.82 12.04
N ALA A 27 -4.72 34.00 12.06
CA ALA A 27 -3.30 34.08 12.39
C ALA A 27 -3.10 34.05 13.90
N LEU A 28 -1.92 33.60 14.31
CA LEU A 28 -1.54 33.54 15.71
C LEU A 28 -0.34 34.44 15.96
N PRO A 29 -0.40 35.34 16.95
CA PRO A 29 0.78 36.16 17.25
C PRO A 29 1.88 35.33 17.90
N GLY A 30 3.11 35.55 17.42
CA GLY A 30 4.29 34.96 18.03
C GLY A 30 4.62 33.56 17.57
N VAL A 31 4.02 33.08 16.49
CA VAL A 31 4.35 31.78 15.93
C VAL A 31 5.03 31.99 14.59
N GLN A 32 5.88 31.04 14.21
CA GLN A 32 6.47 30.99 12.88
C GLN A 32 6.22 29.61 12.30
N LEU A 33 5.58 29.56 11.13
CA LEU A 33 5.29 28.30 10.45
C LEU A 33 5.95 28.30 9.08
N ARG A 34 6.81 27.32 8.85
CA ARG A 34 7.37 27.08 7.52
C ARG A 34 6.86 25.74 7.01
N SER A 35 6.68 25.66 5.69
CA SER A 35 6.21 24.44 5.05
C SER A 35 6.90 24.25 3.71
N THR A 36 6.85 23.01 3.23
CA THR A 36 7.49 22.64 1.98
C THR A 36 6.71 21.50 1.33
N ARG A 37 6.82 21.42 0.02
CA ARG A 37 6.39 20.23 -0.72
C ARG A 37 7.64 19.45 -1.08
N PHE A 38 7.64 18.16 -0.79
CA PHE A 38 8.80 17.32 -1.04
C PHE A 38 8.41 16.10 -1.85
N ASP A 39 9.41 15.50 -2.48
CA ASP A 39 9.26 14.26 -3.25
C ASP A 39 10.31 13.29 -2.76
N PRO A 40 9.93 12.21 -2.08
CA PRO A 40 10.94 11.29 -1.52
C PRO A 40 11.81 10.63 -2.57
N ALA A 41 11.44 10.66 -3.84
CA ALA A 41 12.26 10.03 -4.88
C ALA A 41 13.49 10.87 -5.21
N LEU A 42 13.39 12.19 -5.13
CA LEU A 42 14.49 13.09 -5.43
C LEU A 42 15.53 13.15 -4.32
N LEU A 43 15.33 12.46 -3.21
CA LEU A 43 16.28 12.49 -2.11
C LEU A 43 17.62 11.95 -2.57
N GLN A 44 18.68 12.65 -2.19
CA GLN A 44 20.05 12.30 -2.55
C GLN A 44 20.77 11.68 -1.36
N PRO A 45 21.79 10.84 -1.60
CA PRO A 45 22.49 10.19 -0.49
C PRO A 45 23.32 11.12 0.38
N GLY A 46 23.45 12.40 0.02
CA GLY A 46 24.21 13.33 0.83
C GLY A 46 23.40 14.55 1.25
N ASP A 47 22.07 14.46 1.14
CA ASP A 47 21.22 15.61 1.46
C ASP A 47 21.29 16.00 2.93
N PHE A 48 21.54 15.03 3.82
CA PHE A 48 21.57 15.35 5.25
C PHE A 48 22.78 16.21 5.60
N ALA A 49 23.94 15.89 5.03
CA ALA A 49 25.12 16.75 5.23
C ALA A 49 24.95 18.08 4.52
N LEU A 50 24.33 18.08 3.34
CA LEU A 50 24.03 19.32 2.64
C LEU A 50 23.25 20.28 3.53
N ALA A 51 22.14 19.80 4.10
CA ALA A 51 21.31 20.64 4.95
C ALA A 51 21.93 20.91 6.31
N GLY A 52 22.98 20.19 6.69
CA GLY A 52 23.59 20.42 7.99
C GLY A 52 22.77 19.88 9.13
N ILE A 53 21.93 18.89 8.88
CA ILE A 53 21.09 18.29 9.90
C ILE A 53 21.64 16.90 10.18
N GLN A 54 22.16 16.70 11.38
CA GLN A 54 22.64 15.40 11.80
C GLN A 54 21.46 14.47 12.06
N PRO A 55 21.28 13.39 11.30
CA PRO A 55 20.17 12.48 11.55
C PRO A 55 20.50 11.49 12.64
N PRO A 56 19.51 11.06 13.42
CA PRO A 56 19.75 10.02 14.42
C PRO A 56 19.99 8.67 13.77
N ALA A 57 20.49 7.72 14.57
CA ALA A 57 20.84 6.40 14.07
C ALA A 57 19.66 5.71 13.40
N ASN A 58 18.44 5.99 13.86
CA ASN A 58 17.26 5.31 13.31
C ASN A 58 17.01 5.70 11.87
N ILE A 59 17.04 7.00 11.60
CA ILE A 59 16.80 7.53 10.26
C ILE A 59 17.95 7.23 9.31
N LEU A 60 19.10 6.82 9.79
CA LEU A 60 20.17 6.56 8.86
C LEU A 60 19.82 5.36 8.06
N ARG A 61 19.30 4.34 8.71
CA ARG A 61 19.00 3.12 7.95
C ARG A 61 17.52 2.94 7.62
N ALA A 62 16.75 4.01 7.64
CA ALA A 62 15.34 3.90 7.31
C ALA A 62 15.01 3.94 5.89
N VAL A 63 13.76 3.71 5.58
CA VAL A 63 13.30 3.71 4.20
C VAL A 63 13.24 5.13 3.67
N ALA A 64 13.30 5.26 2.34
CA ALA A 64 13.48 6.57 1.72
C ALA A 64 12.31 7.51 2.02
N LYS A 65 11.09 6.98 2.10
CA LYS A 65 9.96 7.85 2.40
C LYS A 65 10.07 8.44 3.80
N ARG A 66 10.47 7.62 4.78
CA ARG A 66 10.63 8.13 6.14
C ARG A 66 11.80 9.11 6.23
N GLN A 67 12.90 8.84 5.53
CA GLN A 67 14.03 9.77 5.53
C GLN A 67 13.62 11.13 5.00
N ALA A 68 12.89 11.15 3.88
CA ALA A 68 12.48 12.43 3.29
C ALA A 68 11.53 13.19 4.22
N GLU A 69 10.54 12.50 4.79
CA GLU A 69 9.61 13.16 5.70
C GLU A 69 10.33 13.76 6.90
N PHE A 70 11.19 12.96 7.56
CA PHE A 70 11.92 13.47 8.71
C PHE A 70 12.74 14.70 8.36
N LEU A 71 13.55 14.62 7.29
CA LEU A 71 14.43 15.73 6.94
C LEU A 71 13.63 16.95 6.54
N ALA A 72 12.62 16.77 5.69
CA ALA A 72 11.79 17.91 5.28
C ALA A 72 11.13 18.57 6.48
N GLY A 73 10.64 17.77 7.43
CA GLY A 73 10.08 18.34 8.64
C GLY A 73 11.12 19.06 9.48
N ARG A 74 12.36 18.57 9.48
CA ARG A 74 13.42 19.21 10.24
C ARG A 74 13.91 20.50 9.58
N LEU A 75 13.85 20.58 8.25
CA LEU A 75 14.17 21.84 7.58
C LEU A 75 13.17 22.91 7.96
N CYS A 76 11.88 22.60 7.89
CA CYS A 76 10.86 23.57 8.28
C CYS A 76 11.02 24.00 9.73
N ALA A 77 11.37 23.05 10.62
CA ALA A 77 11.53 23.38 12.03
C ALA A 77 12.67 24.36 12.25
N ARG A 78 13.84 24.06 11.66
CA ARG A 78 14.99 24.95 11.80
C ARG A 78 14.71 26.32 11.20
N ALA A 79 14.01 26.38 10.07
CA ALA A 79 13.72 27.67 9.47
C ALA A 79 12.72 28.46 10.29
N ALA A 80 11.69 27.77 10.81
CA ALA A 80 10.72 28.43 11.68
C ALA A 80 11.41 28.99 12.92
N LEU A 81 12.24 28.16 13.54
CA LEU A 81 12.97 28.57 14.75
C LEU A 81 13.95 29.70 14.46
N PHE A 82 14.54 29.68 13.28
CA PHE A 82 15.51 30.71 12.90
C PHE A 82 14.85 32.09 12.80
N ALA A 83 13.65 32.06 12.24
CA ALA A 83 12.75 33.17 12.04
C ALA A 83 12.19 33.82 13.27
N LEU A 84 12.02 33.05 14.31
CA LEU A 84 11.44 33.51 15.53
C LEU A 84 12.47 34.18 16.38
N ASP A 85 13.62 33.56 16.46
CA ASP A 85 14.65 34.03 17.30
C ASP A 85 16.09 34.00 16.81
N GLY A 86 16.29 33.43 15.66
CA GLY A 86 17.57 33.42 14.98
C GLY A 86 18.43 32.20 15.16
N ARG A 87 17.93 31.13 15.75
CA ARG A 87 18.73 29.95 16.04
C ARG A 87 18.46 28.88 14.99
N ALA A 88 19.53 28.44 14.32
CA ALA A 88 19.44 27.38 13.31
C ALA A 88 19.65 26.00 13.93
N GLN A 89 18.83 25.68 14.92
CA GLN A 89 18.93 24.43 15.66
C GLN A 89 17.78 23.51 15.31
N THR A 90 18.07 22.21 15.26
CA THR A 90 17.09 21.19 14.93
C THR A 90 16.74 20.38 16.17
N PRO A 91 15.45 20.20 16.48
CA PRO A 91 15.08 19.42 17.66
C PRO A 91 15.45 17.95 17.53
N ALA A 92 16.01 17.41 18.60
CA ALA A 92 16.35 15.99 18.63
C ALA A 92 15.08 15.14 18.72
N VAL A 93 15.27 13.82 18.64
CA VAL A 93 14.17 12.87 18.72
C VAL A 93 14.19 12.27 20.12
N GLY A 94 13.11 12.50 20.86
CA GLY A 94 13.04 12.01 22.23
C GLY A 94 12.95 10.49 22.30
N GLU A 95 13.03 9.98 23.53
CA GLU A 95 12.81 8.56 23.73
C GLU A 95 11.34 8.20 23.55
N ASP A 96 10.44 9.16 23.80
CA ASP A 96 9.01 9.04 23.58
C ASP A 96 8.61 9.48 22.18
N ARG A 97 9.56 9.57 21.24
CA ARG A 97 9.31 9.81 19.83
C ARG A 97 8.93 11.26 19.54
N ALA A 98 8.64 12.04 20.58
CA ALA A 98 8.33 13.45 20.40
C ALA A 98 9.60 14.25 20.12
N PRO A 99 9.47 15.39 19.46
CA PRO A 99 10.63 16.28 19.31
C PRO A 99 11.04 16.88 20.64
N VAL A 100 12.33 17.17 20.77
CA VAL A 100 12.86 17.78 21.99
C VAL A 100 13.20 19.24 21.68
N TRP A 101 12.20 20.11 21.76
CA TRP A 101 12.40 21.50 21.39
C TRP A 101 13.37 22.18 22.37
N PRO A 102 14.08 23.22 21.93
CA PRO A 102 14.98 23.94 22.84
C PRO A 102 14.26 24.53 24.05
N ALA A 103 15.02 25.14 24.95
CA ALA A 103 14.43 25.74 26.14
C ALA A 103 13.50 26.89 25.76
N ALA A 104 12.34 26.94 26.43
CA ALA A 104 11.35 28.00 26.24
C ALA A 104 10.83 28.06 24.81
N ILE A 105 10.81 26.91 24.14
CA ILE A 105 10.26 26.82 22.79
C ILE A 105 9.21 25.71 22.77
N SER A 106 8.08 25.99 22.16
CA SER A 106 7.06 24.98 21.88
C SER A 106 6.76 25.00 20.40
N GLY A 107 6.81 23.82 19.78
CA GLY A 107 6.47 23.72 18.38
C GLY A 107 5.81 22.40 18.02
N SER A 108 5.66 22.15 16.73
CA SER A 108 5.03 20.93 16.24
C SER A 108 5.50 20.68 14.82
N ILE A 109 5.56 19.40 14.44
CA ILE A 109 5.97 19.00 13.11
C ILE A 109 4.91 18.05 12.55
N THR A 110 4.59 18.23 11.27
CA THR A 110 3.73 17.30 10.55
C THR A 110 4.27 17.12 9.15
N HIS A 111 4.00 15.96 8.57
CA HIS A 111 4.42 15.67 7.21
C HIS A 111 3.61 14.50 6.68
N GLY A 112 3.05 14.67 5.48
CA GLY A 112 2.21 13.64 4.92
C GLY A 112 2.64 13.21 3.54
N ASP A 113 1.69 13.13 2.62
CA ASP A 113 1.98 12.77 1.23
C ASP A 113 2.48 14.01 0.50
N ARG A 114 3.79 14.15 0.38
CA ARG A 114 4.44 15.22 -0.36
C ARG A 114 4.21 16.60 0.24
N TRP A 115 3.82 16.69 1.51
CA TRP A 115 3.59 17.96 2.17
C TRP A 115 4.15 17.89 3.57
N ALA A 116 4.87 18.93 4.00
CA ALA A 116 5.45 18.99 5.33
C ALA A 116 5.37 20.40 5.85
N ALA A 117 5.32 20.52 7.17
CA ALA A 117 5.32 21.83 7.81
C ALA A 117 5.72 21.66 9.27
N ALA A 118 6.11 22.78 9.87
CA ALA A 118 6.44 22.84 11.28
C ALA A 118 6.20 24.27 11.74
N LEU A 119 5.74 24.41 12.97
CA LEU A 119 5.56 25.73 13.55
C LEU A 119 6.19 25.73 14.92
N VAL A 120 6.63 26.91 15.36
CA VAL A 120 7.32 27.08 16.63
C VAL A 120 6.82 28.37 17.28
N ALA A 121 6.98 28.45 18.59
CA ALA A 121 6.64 29.66 19.32
C ALA A 121 7.40 29.66 20.64
N ALA A 122 7.58 30.85 21.20
CA ALA A 122 8.08 30.94 22.57
C ALA A 122 7.06 30.33 23.52
N ARG A 123 7.55 29.66 24.56
CA ARG A 123 6.64 29.06 25.54
C ARG A 123 5.91 30.11 26.37
N GLY A 124 6.43 31.32 26.43
CA GLY A 124 5.74 32.41 27.11
C GLY A 124 4.52 32.92 26.37
N ASP A 125 4.36 32.55 25.10
CA ASP A 125 3.19 32.90 24.31
C ASP A 125 2.25 31.74 24.07
N TRP A 126 2.79 30.53 23.85
CA TRP A 126 1.99 29.36 23.52
C TRP A 126 2.63 28.15 24.19
N ARG A 127 1.96 27.63 25.23
CA ARG A 127 2.52 26.52 26.00
C ARG A 127 2.50 25.22 25.21
N GLY A 128 1.58 25.10 24.27
CA GLY A 128 1.43 23.86 23.52
C GLY A 128 0.98 24.16 22.12
N LEU A 129 1.48 23.36 21.19
CA LEU A 129 1.17 23.52 19.78
C LEU A 129 1.05 22.15 19.14
N GLY A 130 -0.05 21.93 18.45
CA GLY A 130 -0.24 20.70 17.70
C GLY A 130 -0.68 21.01 16.29
N LEU A 131 0.12 20.58 15.32
CA LEU A 131 -0.17 20.76 13.90
C LEU A 131 -0.25 19.38 13.26
N ASP A 132 -1.22 19.20 12.36
CA ASP A 132 -1.34 17.92 11.69
C ASP A 132 -2.05 18.08 10.36
N VAL A 133 -1.47 17.47 9.33
CA VAL A 133 -2.08 17.42 8.00
C VAL A 133 -2.43 15.98 7.69
N GLU A 134 -3.52 15.79 6.94
CA GLU A 134 -3.99 14.47 6.54
C GLU A 134 -4.64 14.57 5.18
N THR A 135 -4.34 13.62 4.32
CA THR A 135 -4.99 13.56 3.02
C THR A 135 -6.47 13.27 3.22
N LEU A 136 -7.30 13.89 2.38
CA LEU A 136 -8.74 13.65 2.43
C LEU A 136 -9.02 12.18 2.20
N LEU A 137 -9.69 11.56 3.18
CA LEU A 137 -10.10 10.17 3.03
C LEU A 137 -11.22 10.05 2.01
N GLU A 138 -11.17 8.99 1.22
CA GLU A 138 -12.31 8.68 0.36
C GLU A 138 -13.49 8.22 1.20
N ALA A 139 -14.69 8.35 0.62
CA ALA A 139 -15.90 8.01 1.36
C ALA A 139 -15.86 6.58 1.88
N GLU A 140 -15.42 5.64 1.06
CA GLU A 140 -15.36 4.24 1.48
C GLU A 140 -14.45 4.06 2.68
N ARG A 141 -13.18 4.47 2.57
CA ARG A 141 -12.24 4.31 3.67
C ARG A 141 -12.67 5.11 4.89
N ALA A 142 -13.40 6.21 4.69
CA ALA A 142 -13.89 6.99 5.83
C ALA A 142 -15.01 6.26 6.55
N ARG A 143 -15.93 5.65 5.80
CA ARG A 143 -16.94 4.82 6.42
C ARG A 143 -16.33 3.62 7.13
N TYR A 144 -15.16 3.17 6.69
CA TYR A 144 -14.50 2.05 7.36
C TYR A 144 -13.80 2.48 8.64
N LEU A 145 -13.35 3.73 8.73
CA LEU A 145 -12.60 4.22 9.87
C LEU A 145 -13.46 5.03 10.83
N HIS A 146 -14.74 5.29 10.50
CA HIS A 146 -15.54 6.21 11.30
C HIS A 146 -15.76 5.69 12.72
N GLY A 147 -15.76 4.36 12.90
CA GLY A 147 -15.94 3.81 14.23
C GLY A 147 -14.75 4.01 15.14
N GLU A 148 -13.55 4.02 14.57
CA GLU A 148 -12.35 4.27 15.38
C GLU A 148 -12.18 5.73 15.72
N ILE A 149 -12.44 6.62 14.76
CA ILE A 149 -12.10 8.03 14.93
C ILE A 149 -13.22 8.76 15.67
N LEU A 150 -14.47 8.44 15.37
CA LEU A 150 -15.61 9.18 15.90
C LEU A 150 -16.26 8.41 17.05
N THR A 151 -16.50 9.15 18.14
CA THR A 151 -17.18 8.61 19.32
C THR A 151 -18.67 8.57 18.99
N GLU A 152 -19.44 7.73 19.67
CA GLU A 152 -20.85 7.60 19.34
C GLU A 152 -21.58 8.92 19.51
N GLY A 153 -21.14 9.77 20.43
CA GLY A 153 -21.72 11.10 20.53
C GLY A 153 -21.41 11.96 19.33
N GLU A 154 -20.29 11.69 18.66
CA GLU A 154 -19.94 12.46 17.47
C GLU A 154 -20.66 11.93 16.23
N ARG A 155 -20.82 10.62 16.13
CA ARG A 155 -21.56 10.06 15.01
C ARG A 155 -23.01 10.53 15.02
N LEU A 156 -23.57 10.74 16.21
CA LEU A 156 -24.93 11.27 16.32
C LEU A 156 -24.96 12.77 16.06
N ARG A 157 -24.04 13.52 16.67
CA ARG A 157 -24.01 14.97 16.50
C ARG A 157 -23.81 15.37 15.04
N PHE A 158 -22.96 14.65 14.31
CA PHE A 158 -22.70 14.92 12.91
C PHE A 158 -23.23 13.80 12.00
N ALA A 159 -24.46 13.34 12.28
CA ALA A 159 -25.03 12.28 11.46
C ALA A 159 -25.27 12.74 10.03
N ASP A 160 -25.61 14.02 9.83
CA ASP A 160 -25.87 14.53 8.49
C ASP A 160 -24.62 14.48 7.63
N ASP A 161 -23.54 15.10 8.12
CA ASP A 161 -22.28 15.15 7.40
C ASP A 161 -21.68 13.76 7.21
N LEU A 162 -22.02 12.88 8.15
CA LEU A 162 -21.54 11.51 8.13
C LEU A 162 -22.10 10.81 6.90
N GLU A 163 -23.27 11.24 6.44
CA GLU A 163 -23.81 10.61 5.28
C GLU A 163 -23.52 11.41 4.04
N ARG A 164 -23.53 12.70 4.12
CA ARG A 164 -23.26 13.51 2.98
C ARG A 164 -21.79 13.72 2.62
N ARG A 165 -21.06 14.33 3.52
CA ARG A 165 -19.66 14.72 3.38
C ARG A 165 -18.76 13.82 4.25
N THR A 166 -18.83 12.51 3.98
CA THR A 166 -18.20 11.52 4.85
C THR A 166 -16.70 11.75 4.97
N GLY A 167 -16.01 11.88 3.84
CA GLY A 167 -14.56 12.02 3.88
C GLY A 167 -14.11 13.27 4.64
N LEU A 168 -14.81 14.39 4.44
CA LEU A 168 -14.42 15.63 5.10
C LEU A 168 -14.52 15.51 6.61
N LEU A 169 -15.65 15.00 7.10
CA LEU A 169 -15.85 14.95 8.55
C LEU A 169 -14.86 14.02 9.24
N VAL A 170 -14.64 12.84 8.70
CA VAL A 170 -13.78 11.91 9.33
C VAL A 170 -12.34 12.32 9.22
N THR A 171 -11.99 12.91 8.11
CA THR A 171 -10.64 13.36 7.95
C THR A 171 -10.33 14.46 8.95
N LEU A 172 -11.25 15.35 9.14
CA LEU A 172 -11.17 16.42 10.05
C LEU A 172 -11.06 16.01 11.49
N ALA A 173 -11.85 15.09 11.94
CA ALA A 173 -11.78 14.69 13.32
C ALA A 173 -10.51 13.97 13.52
N PHE A 174 -10.07 13.26 12.51
CA PHE A 174 -8.75 12.64 12.54
C PHE A 174 -7.67 13.69 12.75
N SER A 175 -7.70 14.75 11.93
CA SER A 175 -6.67 15.79 12.00
C SER A 175 -6.75 16.58 13.29
N LEU A 176 -7.96 17.01 13.68
CA LEU A 176 -8.12 17.79 14.90
C LEU A 176 -7.69 17.00 16.13
N LYS A 177 -8.05 15.72 16.20
CA LYS A 177 -7.70 14.92 17.38
C LYS A 177 -6.21 14.63 17.44
N GLU A 178 -5.55 14.50 16.29
CA GLU A 178 -4.09 14.31 16.31
C GLU A 178 -3.38 15.59 16.71
N SER A 179 -3.89 16.75 16.25
CA SER A 179 -3.32 18.02 16.67
C SER A 179 -3.51 18.24 18.16
N LEU A 180 -4.72 17.99 18.64
CA LEU A 180 -5.01 18.11 20.07
C LEU A 180 -4.07 17.25 20.90
N PHE A 181 -3.80 16.02 20.44
CA PHE A 181 -2.82 15.18 21.10
C PHE A 181 -1.44 15.84 21.12
N LYS A 182 -0.95 16.28 19.96
CA LYS A 182 0.38 16.87 19.87
C LYS A 182 0.51 18.17 20.66
N ALA A 183 -0.59 18.87 20.90
CA ALA A 183 -0.54 20.08 21.71
C ALA A 183 -0.51 19.78 23.21
N LEU A 184 -1.30 18.80 23.66
CA LEU A 184 -1.42 18.55 25.09
C LEU A 184 -0.37 17.59 25.63
N TYR A 185 0.20 16.73 24.80
CA TYR A 185 1.12 15.70 25.31
C TYR A 185 2.33 16.30 26.01
N PRO A 186 3.08 17.25 25.44
CA PRO A 186 4.21 17.82 26.18
C PRO A 186 3.81 18.58 27.44
N LEU A 187 2.51 18.68 27.73
CA LEU A 187 1.99 19.27 28.95
C LEU A 187 1.54 18.22 29.95
N VAL A 188 0.75 17.26 29.50
CA VAL A 188 0.14 16.29 30.42
C VAL A 188 1.01 15.04 30.60
N GLY A 189 1.74 14.63 29.57
CA GLY A 189 2.58 13.46 29.65
C GLY A 189 1.82 12.17 29.40
N LYS A 190 0.57 12.09 29.85
CA LYS A 190 -0.27 10.94 29.58
C LYS A 190 -0.45 10.74 28.09
N ARG A 191 -0.89 9.54 27.72
CA ARG A 191 -1.26 9.21 26.36
C ARG A 191 -2.76 9.02 26.29
N PHE A 192 -3.40 9.74 25.37
CA PHE A 192 -4.83 9.61 25.12
C PHE A 192 -5.04 9.39 23.63
N TYR A 193 -6.18 8.81 23.29
CA TYR A 193 -6.41 8.36 21.92
C TYR A 193 -7.74 8.88 21.38
N PHE A 194 -8.18 8.31 20.26
CA PHE A 194 -9.32 8.88 19.53
C PHE A 194 -10.58 8.91 20.38
N GLU A 195 -10.73 7.94 21.28
CA GLU A 195 -11.94 7.88 22.11
C GLU A 195 -11.98 9.00 23.15
N HIS A 196 -10.81 9.47 23.59
CA HIS A 196 -10.70 10.37 24.74
C HIS A 196 -11.00 11.83 24.43
N ALA A 197 -11.40 12.17 23.20
CA ALA A 197 -11.81 13.52 22.88
C ALA A 197 -12.93 13.47 21.86
N GLU A 198 -13.73 14.50 21.81
CA GLU A 198 -14.82 14.61 20.90
C GLU A 198 -14.85 15.92 20.19
N LEU A 199 -15.31 15.89 18.98
CA LEU A 199 -15.45 17.07 18.24
C LEU A 199 -16.83 17.63 18.51
N LEU A 200 -16.90 18.90 18.76
CA LEU A 200 -18.12 19.49 19.14
C LEU A 200 -18.77 20.40 18.18
N GLU A 201 -18.02 21.08 17.35
CA GLU A 201 -18.57 21.97 16.36
C GLU A 201 -17.50 22.26 15.36
N TRP A 202 -17.90 22.46 14.11
CA TRP A 202 -16.95 22.77 13.04
C TRP A 202 -17.69 23.58 11.99
N ARG A 203 -17.04 24.61 11.44
CA ARG A 203 -17.71 25.40 10.47
C ARG A 203 -16.86 25.64 9.27
N ALA A 204 -17.50 25.97 8.19
CA ALA A 204 -16.79 26.12 6.96
C ALA A 204 -15.73 27.18 6.99
N ASP A 205 -15.87 28.17 7.83
CA ASP A 205 -14.86 29.22 7.97
C ASP A 205 -13.57 28.73 8.62
N GLY A 206 -13.49 27.46 9.00
CA GLY A 206 -12.28 26.89 9.53
C GLY A 206 -12.18 26.84 11.03
N GLN A 207 -13.20 27.26 11.76
CA GLN A 207 -13.16 27.21 13.22
C GLN A 207 -13.71 25.89 13.72
N ALA A 208 -13.07 25.35 14.75
CA ALA A 208 -13.52 24.10 15.38
C ALA A 208 -13.30 24.19 16.88
N ARG A 209 -13.90 23.25 17.60
CA ARG A 209 -13.83 23.20 19.05
C ARG A 209 -13.85 21.75 19.50
N LEU A 210 -12.94 21.41 20.41
CA LEU A 210 -12.84 20.06 20.94
C LEU A 210 -13.23 20.04 22.40
N ARG A 211 -13.55 18.85 22.89
CA ARG A 211 -13.90 18.63 24.29
C ARG A 211 -13.18 17.39 24.79
N LEU A 212 -12.47 17.53 25.90
CA LEU A 212 -11.81 16.37 26.50
C LEU A 212 -12.84 15.47 27.17
N LEU A 213 -12.66 14.16 27.00
CA LEU A 213 -13.58 13.18 27.57
C LEU A 213 -13.03 12.45 28.77
N THR A 214 -11.75 12.61 29.08
CA THR A 214 -11.14 11.96 30.24
C THR A 214 -10.24 12.97 30.96
N ASP A 215 -9.84 12.61 32.18
CA ASP A 215 -8.94 13.43 32.97
C ASP A 215 -7.49 13.17 32.54
N LEU A 216 -6.81 14.22 32.10
CA LEU A 216 -5.40 14.12 31.72
C LEU A 216 -4.46 14.76 32.73
N SER A 217 -4.93 15.70 33.54
CA SER A 217 -4.13 16.43 34.50
C SER A 217 -5.07 17.33 35.30
N PRO A 218 -4.61 17.86 36.44
CA PRO A 218 -5.45 18.81 37.20
C PRO A 218 -6.02 19.94 36.36
N GLU A 219 -5.30 20.40 35.38
CA GLU A 219 -5.85 21.41 34.55
C GLU A 219 -6.57 20.86 33.34
N TRP A 220 -6.14 19.75 32.80
CA TRP A 220 -6.81 19.22 31.66
C TRP A 220 -7.73 18.16 32.07
N ARG A 221 -8.87 18.52 32.59
CA ARG A 221 -9.84 17.56 33.04
C ARG A 221 -10.88 17.28 32.00
N HIS A 222 -11.76 16.34 32.29
CA HIS A 222 -12.86 15.94 31.43
C HIS A 222 -13.78 17.11 31.28
N GLY A 223 -14.12 17.46 30.06
CA GLY A 223 -14.94 18.58 29.70
C GLY A 223 -14.18 19.85 29.35
N SER A 224 -12.89 19.92 29.64
CA SER A 224 -12.09 21.03 29.17
C SER A 224 -12.16 21.12 27.64
N GLU A 225 -12.29 22.34 27.14
CA GLU A 225 -12.47 22.55 25.71
C GLU A 225 -11.34 23.42 25.17
N LEU A 226 -10.96 23.13 23.93
CA LEU A 226 -9.89 23.82 23.24
C LEU A 226 -10.38 24.20 21.87
N ASP A 227 -10.22 25.47 21.49
CA ASP A 227 -10.54 25.89 20.15
C ASP A 227 -9.44 25.47 19.19
N ALA A 228 -9.84 25.14 17.96
CA ALA A 228 -8.90 24.75 16.93
C ALA A 228 -9.31 25.40 15.61
N GLN A 229 -8.41 25.35 14.64
CA GLN A 229 -8.72 25.83 13.30
C GLN A 229 -8.22 24.81 12.30
N PHE A 230 -8.78 24.87 11.09
CA PHE A 230 -8.43 23.91 10.05
C PHE A 230 -8.58 24.56 8.68
N ALA A 231 -7.88 23.99 7.70
CA ALA A 231 -7.94 24.47 6.33
C ALA A 231 -7.99 23.26 5.41
N VAL A 232 -8.89 23.31 4.42
CA VAL A 232 -9.06 22.23 3.46
C VAL A 232 -8.65 22.73 2.08
N LEU A 233 -7.39 22.49 1.71
CA LEU A 233 -6.93 22.85 0.38
C LEU A 233 -6.03 21.75 -0.16
N ASP A 234 -6.11 21.54 -1.48
CA ASP A 234 -5.19 20.66 -2.22
C ASP A 234 -5.39 19.19 -1.85
N GLY A 235 -6.65 18.79 -1.65
CA GLY A 235 -6.92 17.40 -1.30
C GLY A 235 -6.32 16.95 0.01
N ARG A 236 -5.87 17.87 0.85
CA ARG A 236 -5.41 17.53 2.18
C ARG A 236 -6.00 18.50 3.18
N LEU A 237 -6.14 18.04 4.42
CA LEU A 237 -6.71 18.82 5.49
C LEU A 237 -5.63 19.11 6.54
N LEU A 238 -5.43 20.38 6.86
CA LEU A 238 -4.48 20.81 7.86
C LEU A 238 -5.22 21.45 9.02
N SER A 239 -4.86 21.07 10.25
CA SER A 239 -5.52 21.58 11.44
C SER A 239 -4.49 22.02 12.46
N LEU A 240 -4.88 22.97 13.31
CA LEU A 240 -3.99 23.50 14.34
C LEU A 240 -4.72 23.58 15.67
N VAL A 241 -4.06 23.14 16.74
CA VAL A 241 -4.49 23.38 18.11
C VAL A 241 -3.38 24.13 18.83
N ALA A 242 -3.70 25.30 19.38
CA ALA A 242 -2.73 26.14 20.10
C ALA A 242 -3.22 26.41 21.51
N VAL A 243 -2.33 26.22 22.48
CA VAL A 243 -2.63 26.48 23.89
C VAL A 243 -1.84 27.70 24.33
N GLY A 244 -2.56 28.72 24.81
CA GLY A 244 -1.93 29.93 25.30
C GLY A 244 -1.16 29.78 26.59
N ALA B 6 4.77 41.33 1.87
CA ALA B 6 6.01 40.57 2.07
C ALA B 6 6.58 40.08 0.74
N MET B 7 7.58 39.23 0.77
CA MET B 7 8.18 38.64 -0.43
C MET B 7 7.25 37.61 -1.03
N ASN B 8 6.69 36.77 -0.20
CA ASN B 8 5.75 35.77 -0.66
C ASN B 8 4.30 36.17 -0.46
N ASP B 9 4.03 37.34 0.12
CA ASP B 9 2.65 37.72 0.39
C ASP B 9 1.89 38.02 -0.90
N ARG B 10 2.59 38.43 -1.95
CA ARG B 10 1.97 38.65 -3.25
C ARG B 10 2.06 37.44 -4.16
N LEU B 11 2.51 36.30 -3.65
CA LEU B 11 2.57 35.11 -4.49
C LEU B 11 1.27 34.31 -4.34
N PRO B 12 0.59 34.01 -5.44
CA PRO B 12 -0.67 33.24 -5.33
C PRO B 12 -0.44 31.86 -4.72
N SER B 13 -1.49 31.33 -4.12
CA SER B 13 -1.36 30.08 -3.34
C SER B 13 -0.97 28.91 -4.23
N PHE B 14 -1.42 28.90 -5.49
CA PHE B 14 -1.16 27.78 -6.38
C PHE B 14 0.27 27.69 -6.83
N CYS B 15 1.16 28.50 -6.25
CA CYS B 15 2.58 28.53 -6.59
C CYS B 15 3.41 28.33 -5.33
N THR B 16 4.46 27.53 -5.45
CA THR B 16 5.46 27.49 -4.39
C THR B 16 6.33 28.75 -4.45
N PRO B 17 7.05 29.06 -3.37
CA PRO B 17 7.99 30.19 -3.40
C PRO B 17 8.95 30.10 -4.59
N LEU B 18 9.14 31.22 -5.28
CA LEU B 18 10.02 31.23 -6.45
C LEU B 18 11.43 30.83 -6.04
N ASP B 19 12.05 29.99 -6.86
CA ASP B 19 13.23 29.22 -6.49
C ASP B 19 14.44 29.70 -7.29
N ASP B 20 15.52 29.91 -6.59
CA ASP B 20 16.74 30.33 -7.21
C ASP B 20 17.85 29.33 -7.33
N ARG B 21 17.60 28.09 -6.98
CA ARG B 21 18.52 27.01 -7.08
C ARG B 21 18.73 26.72 -8.56
N TRP B 22 19.96 26.55 -9.00
CA TRP B 22 20.27 26.28 -10.39
C TRP B 22 20.06 24.83 -10.61
N PRO B 23 19.20 24.48 -11.51
CA PRO B 23 18.84 23.06 -11.70
C PRO B 23 19.59 22.38 -12.83
N LEU B 24 20.86 22.68 -13.02
CA LEU B 24 21.63 22.17 -14.14
C LEU B 24 23.04 21.87 -13.69
N PRO B 25 23.80 21.07 -14.45
CA PRO B 25 25.12 20.62 -13.98
C PRO B 25 26.14 21.74 -13.76
N VAL B 26 26.21 22.73 -14.64
CA VAL B 26 27.25 23.76 -14.57
C VAL B 26 26.63 25.14 -14.60
N ALA B 27 27.11 26.02 -13.73
CA ALA B 27 26.53 27.34 -13.55
C ALA B 27 26.95 28.29 -14.67
N LEU B 28 26.06 29.22 -14.99
CA LEU B 28 26.27 30.19 -16.07
C LEU B 28 26.28 31.60 -15.50
N PRO B 29 27.43 32.28 -15.52
CA PRO B 29 27.48 33.65 -14.96
C PRO B 29 26.60 34.62 -15.73
N GLY B 30 26.12 35.63 -15.01
CA GLY B 30 25.20 36.60 -15.58
C GLY B 30 23.82 36.08 -15.90
N VAL B 31 23.53 34.82 -15.60
CA VAL B 31 22.21 34.23 -15.81
C VAL B 31 21.45 34.22 -14.49
N GLN B 32 20.17 34.57 -14.55
CA GLN B 32 19.31 34.59 -13.37
C GLN B 32 18.07 33.75 -13.68
N LEU B 33 17.92 32.64 -12.97
CA LEU B 33 16.84 31.69 -13.22
C LEU B 33 15.93 31.58 -12.01
N ARG B 34 14.62 31.68 -12.25
CA ARG B 34 13.61 31.52 -11.23
C ARG B 34 12.66 30.41 -11.65
N SER B 35 12.29 29.55 -10.69
CA SER B 35 11.37 28.45 -10.98
C SER B 35 10.36 28.29 -9.84
N THR B 36 9.22 27.68 -10.19
CA THR B 36 8.19 27.40 -9.21
C THR B 36 7.52 26.09 -9.55
N ARG B 37 6.93 25.46 -8.53
CA ARG B 37 6.03 24.34 -8.71
C ARG B 37 4.62 24.88 -8.57
N PHE B 38 3.83 24.78 -9.63
CA PHE B 38 2.48 25.34 -9.63
C PHE B 38 1.45 24.23 -9.84
N ASP B 39 0.26 24.45 -9.30
CA ASP B 39 -0.85 23.51 -9.42
C ASP B 39 -2.06 24.26 -9.97
N PRO B 40 -2.50 23.97 -11.19
CA PRO B 40 -3.56 24.79 -11.80
C PRO B 40 -4.91 24.69 -11.12
N ALA B 41 -5.16 23.64 -10.34
CA ALA B 41 -6.45 23.52 -9.66
C ALA B 41 -6.59 24.52 -8.51
N LEU B 42 -5.47 24.94 -7.92
CA LEU B 42 -5.48 25.88 -6.80
C LEU B 42 -5.56 27.34 -7.27
N LEU B 43 -5.94 27.56 -8.52
CA LEU B 43 -5.86 28.88 -9.14
C LEU B 43 -7.11 29.68 -8.78
N GLN B 44 -6.92 30.82 -8.11
CA GLN B 44 -8.02 31.67 -7.69
C GLN B 44 -8.33 32.71 -8.76
N PRO B 45 -9.56 33.24 -8.78
CA PRO B 45 -9.91 34.26 -9.79
C PRO B 45 -9.14 35.56 -9.61
N GLY B 46 -8.71 35.90 -8.40
CA GLY B 46 -7.99 37.14 -8.19
C GLY B 46 -6.48 37.05 -8.22
N ASP B 47 -5.92 35.87 -8.53
CA ASP B 47 -4.48 35.67 -8.45
C ASP B 47 -3.72 36.57 -9.43
N PHE B 48 -4.33 36.91 -10.55
CA PHE B 48 -3.69 37.88 -11.47
C PHE B 48 -3.59 39.25 -10.81
N ALA B 49 -4.71 39.77 -10.30
CA ALA B 49 -4.68 41.05 -9.60
C ALA B 49 -3.82 40.99 -8.34
N LEU B 50 -3.77 39.84 -7.69
CA LEU B 50 -2.89 39.68 -6.53
C LEU B 50 -1.42 39.78 -6.95
N ALA B 51 -1.03 39.03 -7.98
CA ALA B 51 0.35 39.05 -8.44
C ALA B 51 0.75 40.38 -9.05
N GLY B 52 -0.19 41.17 -9.54
CA GLY B 52 0.15 42.41 -10.19
C GLY B 52 0.56 42.24 -11.64
N ILE B 53 0.11 41.18 -12.29
CA ILE B 53 0.42 40.90 -13.68
C ILE B 53 -0.87 40.94 -14.48
N GLN B 54 -0.95 41.84 -15.45
CA GLN B 54 -2.11 41.95 -16.31
C GLN B 54 -1.98 40.98 -17.48
N PRO B 55 -2.87 39.99 -17.59
CA PRO B 55 -2.77 39.04 -18.71
C PRO B 55 -3.33 39.63 -19.98
N PRO B 56 -2.77 39.28 -21.14
CA PRO B 56 -3.39 39.68 -22.40
C PRO B 56 -4.76 39.04 -22.55
N ALA B 57 -5.55 39.62 -23.48
CA ALA B 57 -6.97 39.28 -23.58
C ALA B 57 -7.18 37.78 -23.79
N ASN B 58 -6.36 37.16 -24.64
CA ASN B 58 -6.53 35.75 -24.96
C ASN B 58 -6.24 34.85 -23.76
N ILE B 59 -5.37 35.29 -22.84
CA ILE B 59 -5.13 34.52 -21.62
C ILE B 59 -6.28 34.71 -20.64
N LEU B 60 -6.89 35.88 -20.62
CA LEU B 60 -8.02 36.15 -19.74
C LEU B 60 -9.21 35.26 -20.08
N ARG B 61 -9.34 34.84 -21.34
CA ARG B 61 -10.41 33.95 -21.77
C ARG B 61 -10.08 32.48 -21.58
N ALA B 62 -8.80 32.14 -21.45
CA ALA B 62 -8.35 30.76 -21.56
C ALA B 62 -8.83 29.90 -20.40
N VAL B 63 -8.74 28.59 -20.61
CA VAL B 63 -9.04 27.62 -19.55
C VAL B 63 -8.07 27.82 -18.40
N ALA B 64 -8.34 27.16 -17.27
CA ALA B 64 -7.56 27.41 -16.06
C ALA B 64 -6.10 26.98 -16.21
N LYS B 65 -5.83 25.93 -16.99
CA LYS B 65 -4.47 25.44 -17.06
C LYS B 65 -3.56 26.38 -17.84
N ARG B 66 -4.11 27.06 -18.84
CA ARG B 66 -3.32 28.07 -19.55
C ARG B 66 -3.10 29.30 -18.69
N GLN B 67 -4.15 29.76 -17.99
CA GLN B 67 -3.97 30.89 -17.08
C GLN B 67 -2.95 30.57 -16.00
N ALA B 68 -2.98 29.35 -15.47
CA ALA B 68 -2.04 28.99 -14.41
C ALA B 68 -0.61 29.01 -14.92
N GLU B 69 -0.35 28.36 -16.06
CA GLU B 69 1.03 28.26 -16.54
C GLU B 69 1.55 29.61 -17.03
N PHE B 70 0.71 30.40 -17.69
CA PHE B 70 1.13 31.74 -18.09
C PHE B 70 1.50 32.59 -16.88
N LEU B 71 0.65 32.57 -15.85
CA LEU B 71 0.94 33.33 -14.64
C LEU B 71 2.18 32.82 -13.93
N ALA B 72 2.35 31.49 -13.87
CA ALA B 72 3.51 30.92 -13.21
C ALA B 72 4.82 31.30 -13.92
N GLY B 73 4.82 31.37 -15.23
CA GLY B 73 5.97 31.75 -15.99
C GLY B 73 6.31 33.20 -15.94
N ARG B 74 5.32 34.02 -15.96
CA ARG B 74 5.43 35.42 -15.86
C ARG B 74 5.96 35.83 -14.48
N LEU B 75 5.57 35.13 -13.45
CA LEU B 75 6.05 35.35 -12.14
C LEU B 75 7.51 35.06 -12.02
N CYS B 76 7.93 34.01 -12.65
CA CYS B 76 9.28 33.61 -12.65
C CYS B 76 10.08 34.61 -13.45
N ALA B 77 9.55 35.08 -14.57
CA ALA B 77 10.25 36.02 -15.43
C ALA B 77 10.40 37.38 -14.76
N ARG B 78 9.36 37.85 -14.08
CA ARG B 78 9.45 39.12 -13.38
C ARG B 78 10.48 39.05 -12.25
N ALA B 79 10.54 37.92 -11.55
CA ALA B 79 11.46 37.80 -10.42
C ALA B 79 12.89 37.54 -10.89
N ALA B 80 13.06 36.85 -12.00
CA ALA B 80 14.41 36.69 -12.54
C ALA B 80 14.93 38.03 -13.08
N LEU B 81 14.06 38.83 -13.70
CA LEU B 81 14.47 40.14 -14.21
C LEU B 81 14.76 41.10 -13.06
N PHE B 82 14.01 41.01 -11.97
CA PHE B 82 14.29 41.86 -10.82
C PHE B 82 15.65 41.52 -10.22
N ALA B 83 15.99 40.24 -10.19
CA ALA B 83 17.27 39.85 -9.63
C ALA B 83 18.42 40.16 -10.58
N LEU B 84 18.15 40.24 -11.89
CA LEU B 84 19.19 40.58 -12.86
C LEU B 84 19.65 42.02 -12.70
N ASP B 85 18.70 42.95 -12.78
CA ASP B 85 19.00 44.35 -12.67
C ASP B 85 18.06 45.21 -11.93
N GLY B 86 17.21 44.64 -11.16
CA GLY B 86 16.34 45.44 -10.35
C GLY B 86 15.10 46.09 -10.85
N ARG B 87 14.69 45.83 -12.08
CA ARG B 87 13.45 46.41 -12.60
C ARG B 87 12.45 45.27 -12.69
N ALA B 88 11.41 45.27 -11.85
CA ALA B 88 10.48 44.15 -11.89
C ALA B 88 9.50 44.26 -13.03
N GLN B 89 9.99 44.05 -14.20
CA GLN B 89 9.22 44.14 -15.43
C GLN B 89 8.72 42.76 -15.85
N THR B 90 7.61 42.75 -16.58
CA THR B 90 7.02 41.53 -17.08
C THR B 90 7.09 41.51 -18.60
N PRO B 91 7.49 40.40 -19.21
CA PRO B 91 7.50 40.32 -20.68
C PRO B 91 6.09 40.31 -21.26
N ALA B 92 5.91 41.05 -22.36
CA ALA B 92 4.69 41.00 -23.13
C ALA B 92 4.73 39.79 -24.07
N VAL B 93 3.64 39.59 -24.82
CA VAL B 93 3.52 38.49 -25.77
C VAL B 93 3.53 39.09 -27.17
N GLY B 94 4.51 38.68 -27.99
CA GLY B 94 4.66 39.20 -29.32
C GLY B 94 3.81 38.47 -30.34
N GLU B 95 3.85 38.96 -31.58
CA GLU B 95 3.14 38.31 -32.67
C GLU B 95 3.64 36.90 -32.91
N ASP B 96 4.95 36.68 -32.76
CA ASP B 96 5.52 35.35 -32.86
C ASP B 96 5.24 34.51 -31.62
N ARG B 97 4.65 35.10 -30.58
CA ARG B 97 4.25 34.51 -29.30
C ARG B 97 5.43 34.32 -28.35
N ALA B 98 6.66 34.64 -28.75
CA ALA B 98 7.78 34.66 -27.83
C ALA B 98 7.65 35.84 -26.86
N PRO B 99 8.30 35.78 -25.70
CA PRO B 99 8.26 36.93 -24.80
C PRO B 99 8.96 38.13 -25.42
N VAL B 100 8.40 39.32 -25.21
CA VAL B 100 9.04 40.56 -25.66
C VAL B 100 9.86 41.05 -24.47
N TRP B 101 11.14 40.69 -24.46
CA TRP B 101 12.00 41.07 -23.36
C TRP B 101 12.35 42.54 -23.43
N PRO B 102 12.72 43.15 -22.30
CA PRO B 102 13.25 44.51 -22.34
C PRO B 102 14.47 44.61 -23.23
N ALA B 103 14.83 45.85 -23.58
CA ALA B 103 15.95 46.09 -24.47
C ALA B 103 17.25 45.55 -23.87
N ALA B 104 18.03 44.87 -24.71
CA ALA B 104 19.33 44.31 -24.34
C ALA B 104 19.18 43.23 -23.27
N ILE B 105 18.09 42.47 -23.34
CA ILE B 105 17.81 41.41 -22.39
C ILE B 105 17.41 40.17 -23.19
N SER B 106 18.05 39.04 -22.89
CA SER B 106 17.68 37.77 -23.48
C SER B 106 17.10 36.87 -22.40
N GLY B 107 16.19 35.98 -22.80
CA GLY B 107 15.50 35.17 -21.81
C GLY B 107 14.76 34.03 -22.46
N SER B 108 14.23 33.16 -21.60
CA SER B 108 13.49 32.00 -22.06
C SER B 108 12.54 31.59 -20.95
N ILE B 109 11.36 31.11 -21.34
CA ILE B 109 10.31 30.68 -20.42
C ILE B 109 9.90 29.27 -20.79
N THR B 110 9.70 28.42 -19.78
CA THR B 110 9.21 27.07 -20.00
C THR B 110 8.33 26.67 -18.83
N HIS B 111 7.25 25.96 -19.13
CA HIS B 111 6.39 25.42 -18.08
C HIS B 111 5.84 24.10 -18.56
N GLY B 112 6.21 23.02 -17.88
CA GLY B 112 5.69 21.72 -18.18
C GLY B 112 4.39 21.45 -17.45
N ASP B 113 4.30 20.28 -16.82
CA ASP B 113 3.10 19.91 -16.09
C ASP B 113 2.88 20.78 -14.87
N ARG B 114 3.71 20.61 -13.85
CA ARG B 114 3.60 21.40 -12.63
C ARG B 114 4.89 22.16 -12.33
N TRP B 115 5.68 22.45 -13.36
CA TRP B 115 6.97 23.10 -13.17
C TRP B 115 7.12 24.19 -14.20
N ALA B 116 7.47 25.39 -13.74
CA ALA B 116 7.68 26.54 -14.60
C ALA B 116 9.00 27.18 -14.24
N ALA B 117 9.70 27.70 -15.25
CA ALA B 117 10.94 28.42 -14.99
C ALA B 117 11.17 29.45 -16.08
N ALA B 118 11.80 30.56 -15.68
CA ALA B 118 12.27 31.60 -16.60
C ALA B 118 13.68 31.99 -16.21
N LEU B 119 14.56 32.13 -17.21
CA LEU B 119 15.91 32.61 -16.98
C LEU B 119 16.21 33.78 -17.90
N VAL B 120 16.99 34.74 -17.40
CA VAL B 120 17.31 35.97 -18.11
C VAL B 120 18.80 36.25 -17.97
N ALA B 121 19.27 37.21 -18.76
CA ALA B 121 20.64 37.69 -18.75
C ALA B 121 20.72 38.93 -19.60
N ALA B 122 21.76 39.73 -19.36
CA ALA B 122 22.06 40.85 -20.23
C ALA B 122 22.63 40.34 -21.55
N ARG B 123 22.31 41.04 -22.64
CA ARG B 123 22.68 40.57 -23.98
C ARG B 123 24.19 40.43 -24.13
N GLY B 124 24.95 41.38 -23.57
CA GLY B 124 26.41 41.31 -23.62
C GLY B 124 27.00 40.09 -22.94
N ASP B 125 26.23 39.43 -22.08
CA ASP B 125 26.66 38.18 -21.46
C ASP B 125 26.18 36.97 -22.25
N TRP B 126 24.92 36.97 -22.67
CA TRP B 126 24.37 35.85 -23.42
C TRP B 126 23.40 36.42 -24.45
N ARG B 127 23.78 36.31 -25.73
CA ARG B 127 22.97 36.81 -26.83
C ARG B 127 21.67 36.02 -26.98
N GLY B 128 21.60 34.81 -26.45
CA GLY B 128 20.42 33.99 -26.59
C GLY B 128 20.30 32.92 -25.53
N LEU B 129 19.10 32.73 -25.00
CA LEU B 129 18.83 31.72 -23.99
C LEU B 129 17.59 30.94 -24.37
N GLY B 130 17.66 29.62 -24.23
CA GLY B 130 16.54 28.76 -24.53
C GLY B 130 16.43 27.63 -23.54
N LEU B 131 15.32 27.58 -22.80
CA LEU B 131 15.14 26.64 -21.72
C LEU B 131 13.89 25.80 -21.98
N ASP B 132 14.00 24.49 -21.80
CA ASP B 132 12.90 23.60 -22.11
C ASP B 132 12.80 22.49 -21.06
N VAL B 133 11.59 22.26 -20.57
CA VAL B 133 11.30 21.14 -19.69
C VAL B 133 10.37 20.19 -20.43
N GLU B 134 10.63 18.90 -20.28
CA GLU B 134 9.79 17.86 -20.87
C GLU B 134 9.71 16.69 -19.91
N THR B 135 8.55 16.04 -19.89
CA THR B 135 8.39 14.83 -19.12
C THR B 135 8.98 13.66 -19.89
N LEU B 136 9.66 12.76 -19.17
CA LEU B 136 10.25 11.59 -19.80
C LEU B 136 9.18 10.79 -20.53
N LEU B 137 9.50 10.41 -21.76
CA LEU B 137 8.61 9.54 -22.54
C LEU B 137 8.91 8.09 -22.19
N GLU B 138 7.85 7.29 -22.10
CA GLU B 138 8.01 5.87 -21.86
C GLU B 138 8.80 5.24 -23.01
N ALA B 139 9.35 4.06 -22.75
CA ALA B 139 10.14 3.38 -23.76
C ALA B 139 9.36 3.17 -25.06
N GLU B 140 8.08 2.81 -24.94
CA GLU B 140 7.29 2.49 -26.12
C GLU B 140 6.99 3.74 -26.95
N ARG B 141 6.45 4.78 -26.32
CA ARG B 141 6.06 5.97 -27.06
C ARG B 141 7.27 6.71 -27.63
N ALA B 142 8.41 6.64 -26.96
CA ALA B 142 9.62 7.23 -27.52
C ALA B 142 10.05 6.51 -28.80
N ARG B 143 9.86 5.19 -28.84
CA ARG B 143 10.14 4.41 -30.04
C ARG B 143 9.19 4.77 -31.17
N TYR B 144 7.94 5.12 -30.84
CA TYR B 144 6.98 5.52 -31.86
C TYR B 144 7.32 6.92 -32.41
N LEU B 145 7.74 7.83 -31.54
CA LEU B 145 7.93 9.23 -31.89
C LEU B 145 9.31 9.53 -32.46
N HIS B 146 10.26 8.59 -32.35
CA HIS B 146 11.65 8.89 -32.66
C HIS B 146 11.81 9.38 -34.10
N GLY B 147 11.02 8.84 -35.03
CA GLY B 147 11.18 9.19 -36.43
C GLY B 147 10.92 10.66 -36.73
N GLU B 148 10.05 11.30 -35.95
CA GLU B 148 9.75 12.71 -36.15
C GLU B 148 10.67 13.64 -35.38
N ILE B 149 11.51 13.11 -34.49
CA ILE B 149 12.34 13.92 -33.62
C ILE B 149 13.82 13.77 -33.95
N LEU B 150 14.24 12.56 -34.30
CA LEU B 150 15.61 12.29 -34.70
C LEU B 150 15.69 12.24 -36.22
N THR B 151 16.69 12.91 -36.78
CA THR B 151 16.96 12.76 -38.20
C THR B 151 17.50 11.35 -38.49
N GLU B 152 17.60 11.03 -39.78
CA GLU B 152 18.14 9.72 -40.14
C GLU B 152 19.59 9.59 -39.72
N GLY B 153 20.33 10.70 -39.70
CA GLY B 153 21.71 10.66 -39.20
C GLY B 153 21.79 10.51 -37.70
N GLU B 154 20.83 11.08 -36.97
CA GLU B 154 20.80 10.89 -35.52
C GLU B 154 20.42 9.47 -35.15
N ARG B 155 19.50 8.85 -35.91
CA ARG B 155 19.08 7.50 -35.56
C ARG B 155 20.22 6.51 -35.72
N LEU B 156 21.04 6.67 -36.77
CA LEU B 156 22.22 5.85 -36.95
C LEU B 156 23.23 6.09 -35.83
N ARG B 157 23.55 7.36 -35.59
CA ARG B 157 24.59 7.72 -34.62
C ARG B 157 24.28 7.19 -33.23
N PHE B 158 23.02 7.32 -32.79
CA PHE B 158 22.65 6.82 -31.47
C PHE B 158 21.75 5.60 -31.58
N ALA B 159 22.13 4.66 -32.45
CA ALA B 159 21.35 3.44 -32.59
C ALA B 159 21.44 2.56 -31.34
N ASP B 160 22.53 2.68 -30.58
CA ASP B 160 22.66 1.89 -29.36
C ASP B 160 21.73 2.42 -28.27
N ASP B 161 21.66 3.75 -28.12
CA ASP B 161 20.76 4.33 -27.14
C ASP B 161 19.30 4.21 -27.55
N LEU B 162 19.02 3.99 -28.83
CA LEU B 162 17.65 3.80 -29.29
C LEU B 162 17.08 2.43 -28.94
N GLU B 163 17.89 1.52 -28.39
CA GLU B 163 17.42 0.22 -27.97
C GLU B 163 17.44 0.02 -26.47
N ARG B 164 18.30 0.73 -25.73
CA ARG B 164 18.47 0.54 -24.30
C ARG B 164 18.19 1.78 -23.47
N ARG B 165 18.07 2.96 -24.10
CA ARG B 165 17.76 4.21 -23.41
C ARG B 165 16.74 5.00 -24.22
N THR B 166 15.80 4.29 -24.85
CA THR B 166 14.98 4.90 -25.89
C THR B 166 14.20 6.11 -25.38
N GLY B 167 13.61 5.99 -24.19
CA GLY B 167 12.85 7.11 -23.65
C GLY B 167 13.72 8.31 -23.33
N LEU B 168 14.87 8.07 -22.68
CA LEU B 168 15.77 9.16 -22.32
C LEU B 168 16.27 9.90 -23.55
N LEU B 169 16.70 9.14 -24.57
CA LEU B 169 17.34 9.76 -25.73
C LEU B 169 16.35 10.61 -26.52
N VAL B 170 15.15 10.08 -26.79
CA VAL B 170 14.19 10.82 -27.60
C VAL B 170 13.71 12.06 -26.86
N THR B 171 13.48 11.94 -25.54
CA THR B 171 13.05 13.10 -24.76
C THR B 171 14.17 14.12 -24.63
N LEU B 172 15.41 13.66 -24.45
CA LEU B 172 16.56 14.55 -24.39
C LEU B 172 16.68 15.37 -25.68
N ALA B 173 16.63 14.70 -26.83
CA ALA B 173 16.76 15.41 -28.11
C ALA B 173 15.58 16.36 -28.33
N PHE B 174 14.38 15.98 -27.89
CA PHE B 174 13.23 16.86 -28.01
C PHE B 174 13.43 18.16 -27.21
N SER B 175 13.86 18.04 -25.96
CA SER B 175 14.13 19.23 -25.16
C SER B 175 15.22 20.08 -25.76
N LEU B 176 16.33 19.45 -26.18
CA LEU B 176 17.47 20.20 -26.71
C LEU B 176 17.09 20.97 -27.97
N LYS B 177 16.38 20.32 -28.90
CA LYS B 177 16.01 21.02 -30.12
C LYS B 177 15.01 22.15 -29.87
N GLU B 178 14.13 21.98 -28.87
CA GLU B 178 13.23 23.08 -28.52
C GLU B 178 13.98 24.20 -27.79
N SER B 179 14.92 23.85 -26.92
CA SER B 179 15.79 24.84 -26.33
C SER B 179 16.57 25.58 -27.41
N LEU B 180 17.19 24.81 -28.32
CA LEU B 180 17.88 25.37 -29.47
C LEU B 180 16.97 26.33 -30.23
N PHE B 181 15.70 25.97 -30.42
CA PHE B 181 14.78 26.85 -31.12
C PHE B 181 14.55 28.14 -30.36
N LYS B 182 14.32 28.05 -29.04
CA LYS B 182 14.05 29.25 -28.26
C LYS B 182 15.29 30.14 -28.15
N ALA B 183 16.48 29.56 -28.10
CA ALA B 183 17.69 30.37 -28.05
C ALA B 183 17.93 31.12 -29.36
N LEU B 184 17.70 30.44 -30.49
CA LEU B 184 18.09 30.95 -31.79
C LEU B 184 17.01 31.75 -32.49
N TYR B 185 15.73 31.41 -32.27
CA TYR B 185 14.66 32.09 -32.99
C TYR B 185 14.64 33.60 -32.76
N PRO B 186 14.80 34.12 -31.53
CA PRO B 186 14.84 35.59 -31.39
C PRO B 186 16.03 36.23 -32.07
N LEU B 187 17.13 35.50 -32.27
CA LEU B 187 18.28 36.05 -32.96
C LEU B 187 18.07 36.07 -34.48
N VAL B 188 17.47 35.03 -35.02
CA VAL B 188 17.33 34.85 -36.46
C VAL B 188 16.00 35.39 -36.98
N GLY B 189 14.90 34.95 -36.37
CA GLY B 189 13.58 35.32 -36.85
C GLY B 189 13.00 34.40 -37.91
N LYS B 190 13.47 33.16 -37.99
CA LYS B 190 12.98 32.20 -38.96
C LYS B 190 12.61 30.92 -38.23
N ARG B 191 11.40 30.41 -38.50
CA ARG B 191 10.98 29.15 -37.91
C ARG B 191 11.78 28.00 -38.51
N PHE B 192 12.22 27.09 -37.65
CA PHE B 192 12.93 25.89 -38.09
C PHE B 192 12.57 24.75 -37.14
N TYR B 193 12.75 23.53 -37.62
CA TYR B 193 12.14 22.39 -36.94
C TYR B 193 13.10 21.25 -36.67
N PHE B 194 12.55 20.10 -36.29
CA PHE B 194 13.35 19.00 -35.75
C PHE B 194 14.38 18.50 -36.76
N GLU B 195 14.04 18.50 -38.05
CA GLU B 195 14.98 18.01 -39.05
C GLU B 195 16.04 19.04 -39.42
N HIS B 196 15.97 20.25 -38.87
CA HIS B 196 16.92 21.30 -39.19
C HIS B 196 18.05 21.41 -38.16
N ALA B 197 18.22 20.39 -37.33
CA ALA B 197 19.32 20.33 -36.38
C ALA B 197 19.48 18.89 -35.95
N GLU B 198 20.70 18.52 -35.60
CA GLU B 198 20.99 17.15 -35.17
C GLU B 198 21.72 17.18 -33.84
N LEU B 199 21.49 16.14 -33.05
CA LEU B 199 22.24 15.94 -31.83
C LEU B 199 23.57 15.27 -32.18
N LEU B 200 24.67 15.93 -31.85
CA LEU B 200 26.00 15.40 -32.16
C LEU B 200 26.52 14.48 -31.07
N GLU B 201 26.31 14.86 -29.81
CA GLU B 201 26.91 14.16 -28.69
C GLU B 201 26.13 14.54 -27.43
N TRP B 202 26.13 13.64 -26.46
CA TRP B 202 25.63 13.97 -25.14
C TRP B 202 26.32 13.06 -24.12
N ARG B 203 26.79 13.65 -23.04
CA ARG B 203 27.48 12.90 -21.99
C ARG B 203 26.52 12.68 -20.82
N ALA B 204 26.92 11.74 -19.95
CA ALA B 204 26.14 11.46 -18.75
C ALA B 204 26.27 12.57 -17.71
N ASP B 205 27.30 13.41 -17.82
CA ASP B 205 27.52 14.51 -16.90
C ASP B 205 26.64 15.73 -17.21
N GLY B 206 25.79 15.64 -18.22
CA GLY B 206 24.86 16.71 -18.52
C GLY B 206 25.23 17.60 -19.70
N GLN B 207 26.37 17.38 -20.35
CA GLN B 207 26.78 18.20 -21.48
C GLN B 207 26.26 17.59 -22.78
N ALA B 208 25.85 18.46 -23.69
CA ALA B 208 25.42 18.04 -25.02
C ALA B 208 25.91 19.05 -26.04
N ARG B 209 25.89 18.65 -27.31
CA ARG B 209 26.24 19.54 -28.42
C ARG B 209 25.29 19.29 -29.59
N LEU B 210 24.82 20.39 -30.20
CA LEU B 210 23.94 20.32 -31.36
C LEU B 210 24.65 20.91 -32.58
N ARG B 211 24.06 20.67 -33.74
CA ARG B 211 24.62 21.13 -35.00
C ARG B 211 23.48 21.52 -35.92
N LEU B 212 23.53 22.74 -36.47
CA LEU B 212 22.49 23.17 -37.38
C LEU B 212 22.60 22.43 -38.70
N LEU B 213 21.44 22.20 -39.33
CA LEU B 213 21.37 21.46 -40.59
C LEU B 213 20.87 22.30 -41.76
N THR B 214 20.55 23.57 -41.52
CA THR B 214 20.07 24.47 -42.56
C THR B 214 20.61 25.87 -42.25
N ASP B 215 20.48 26.77 -43.22
CA ASP B 215 20.94 28.14 -43.07
C ASP B 215 19.81 28.98 -42.48
N LEU B 216 19.99 29.42 -41.23
CA LEU B 216 19.04 30.32 -40.60
C LEU B 216 19.37 31.78 -40.89
N SER B 217 20.59 32.19 -40.59
CA SER B 217 21.09 33.55 -40.82
C SER B 217 22.52 33.44 -41.33
N PRO B 218 23.10 34.53 -41.88
CA PRO B 218 24.50 34.45 -42.33
C PRO B 218 25.46 33.99 -41.26
N GLU B 219 25.14 34.18 -39.98
CA GLU B 219 25.98 33.69 -38.90
C GLU B 219 25.64 32.25 -38.53
N TRP B 220 24.37 31.98 -38.34
CA TRP B 220 23.89 30.67 -37.99
C TRP B 220 23.63 29.93 -39.23
N ARG B 221 24.65 29.37 -39.75
CA ARG B 221 24.59 28.65 -40.96
C ARG B 221 24.81 27.18 -40.76
N HIS B 222 24.56 26.41 -41.79
CA HIS B 222 24.75 24.97 -41.79
C HIS B 222 26.06 24.55 -41.19
N GLY B 223 26.01 23.61 -40.28
CA GLY B 223 27.18 23.15 -39.59
C GLY B 223 27.56 23.95 -38.36
N SER B 224 26.87 25.05 -38.08
CA SER B 224 27.09 25.77 -36.82
C SER B 224 26.74 24.86 -35.65
N GLU B 225 27.55 24.94 -34.59
CA GLU B 225 27.43 24.02 -33.46
C GLU B 225 27.36 24.79 -32.15
N LEU B 226 26.49 24.31 -31.26
CA LEU B 226 26.23 24.95 -29.97
C LEU B 226 26.25 23.93 -28.86
N ASP B 227 26.89 24.28 -27.74
CA ASP B 227 26.85 23.46 -26.55
C ASP B 227 25.50 23.57 -25.86
N ALA B 228 25.22 22.60 -25.00
CA ALA B 228 23.96 22.56 -24.27
C ALA B 228 24.12 21.74 -23.00
N GLN B 229 23.40 22.14 -21.96
CA GLN B 229 23.31 21.36 -20.74
C GLN B 229 21.96 20.67 -20.67
N PHE B 230 21.90 19.60 -19.87
CA PHE B 230 20.63 18.98 -19.54
C PHE B 230 20.76 18.29 -18.19
N ALA B 231 19.60 18.08 -17.55
CA ALA B 231 19.51 17.39 -16.28
C ALA B 231 18.19 16.65 -16.21
N VAL B 232 18.23 15.43 -15.69
CA VAL B 232 17.05 14.60 -15.49
C VAL B 232 16.70 14.62 -14.00
N LEU B 233 15.42 14.80 -13.70
CA LEU B 233 14.97 14.87 -12.31
C LEU B 233 13.46 14.72 -12.23
N ASP B 234 12.98 13.83 -11.35
CA ASP B 234 11.55 13.66 -11.09
C ASP B 234 10.78 13.25 -12.36
N GLY B 235 11.39 12.39 -13.17
CA GLY B 235 10.76 11.98 -14.41
C GLY B 235 10.57 13.09 -15.41
N ARG B 236 11.24 14.22 -15.23
CA ARG B 236 11.21 15.33 -16.17
C ARG B 236 12.63 15.67 -16.57
N LEU B 237 12.79 16.21 -17.78
CA LEU B 237 14.10 16.45 -18.36
C LEU B 237 14.20 17.93 -18.72
N LEU B 238 15.20 18.61 -18.17
CA LEU B 238 15.42 20.03 -18.38
C LEU B 238 16.68 20.23 -19.22
N SER B 239 16.59 21.06 -20.25
CA SER B 239 17.75 21.36 -21.09
C SER B 239 17.89 22.85 -21.29
N LEU B 240 19.12 23.29 -21.51
CA LEU B 240 19.42 24.71 -21.71
C LEU B 240 20.40 24.90 -22.85
N VAL B 241 20.07 25.79 -23.78
CA VAL B 241 21.00 26.26 -24.81
C VAL B 241 21.23 27.75 -24.58
N ALA B 242 22.49 28.12 -24.33
CA ALA B 242 22.86 29.50 -24.05
C ALA B 242 23.89 29.94 -25.09
N VAL B 243 23.60 31.04 -25.77
CA VAL B 243 24.43 31.50 -26.88
C VAL B 243 25.27 32.67 -26.38
N GLY B 244 26.57 32.41 -26.18
CA GLY B 244 27.48 33.46 -25.76
C GLY B 244 27.72 34.49 -26.84
N MET C 7 1.22 -34.70 13.43
CA MET C 7 -0.13 -35.02 12.98
C MET C 7 -0.41 -34.38 11.63
N ASN C 8 0.51 -33.52 11.18
CA ASN C 8 0.38 -32.86 9.89
C ASN C 8 1.29 -33.42 8.81
N ASP C 9 2.27 -34.24 9.18
CA ASP C 9 3.23 -34.74 8.19
C ASP C 9 2.56 -35.65 7.16
N ARG C 10 1.50 -36.36 7.55
CA ARG C 10 0.78 -37.24 6.62
C ARG C 10 -0.42 -36.57 5.97
N LEU C 11 -0.65 -35.28 6.22
CA LEU C 11 -1.80 -34.60 5.64
C LEU C 11 -1.47 -34.13 4.23
N PRO C 12 -2.19 -34.61 3.21
CA PRO C 12 -1.91 -34.19 1.84
C PRO C 12 -1.87 -32.68 1.69
N SER C 13 -0.99 -32.21 0.81
CA SER C 13 -0.76 -30.76 0.69
C SER C 13 -1.96 -30.01 0.12
N PHE C 14 -2.96 -30.70 -0.43
CA PHE C 14 -4.14 -30.01 -0.92
C PHE C 14 -5.14 -29.70 0.20
N CYS C 15 -4.80 -30.01 1.45
CA CYS C 15 -5.63 -29.67 2.60
C CYS C 15 -4.84 -28.78 3.56
N THR C 16 -5.46 -27.71 4.03
CA THR C 16 -4.94 -26.99 5.17
C THR C 16 -5.06 -27.87 6.42
N PRO C 17 -4.30 -27.57 7.47
CA PRO C 17 -4.45 -28.33 8.72
C PRO C 17 -5.90 -28.42 9.16
N LEU C 18 -6.31 -29.63 9.55
CA LEU C 18 -7.65 -29.83 10.09
C LEU C 18 -7.95 -28.83 11.18
N ASP C 19 -9.15 -28.26 11.13
CA ASP C 19 -9.52 -27.12 11.99
C ASP C 19 -10.48 -27.60 13.07
N ASP C 20 -10.05 -27.47 14.33
CA ASP C 20 -10.87 -27.85 15.47
C ASP C 20 -11.59 -26.66 16.08
N ARG C 21 -11.81 -25.60 15.30
CA ARG C 21 -12.57 -24.45 15.75
C ARG C 21 -14.05 -24.64 15.42
N TRP C 22 -14.92 -24.25 16.35
CA TRP C 22 -16.34 -24.46 16.19
C TRP C 22 -16.92 -23.36 15.32
N PRO C 23 -17.44 -23.67 14.13
CA PRO C 23 -17.89 -22.61 13.22
C PRO C 23 -19.37 -22.27 13.37
N LEU C 24 -19.93 -22.45 14.56
CA LEU C 24 -21.35 -22.24 14.80
C LEU C 24 -21.53 -21.43 16.07
N PRO C 25 -22.69 -20.77 16.23
CA PRO C 25 -22.87 -19.89 17.40
C PRO C 25 -22.92 -20.62 18.74
N VAL C 26 -23.62 -21.74 18.83
CA VAL C 26 -23.84 -22.43 20.10
C VAL C 26 -23.11 -23.76 20.05
N ALA C 27 -22.11 -23.92 20.91
CA ALA C 27 -21.33 -25.16 20.95
C ALA C 27 -22.16 -26.30 21.55
N LEU C 28 -21.84 -27.52 21.13
CA LEU C 28 -22.54 -28.72 21.53
C LEU C 28 -21.59 -29.61 22.31
N PRO C 29 -21.85 -29.91 23.58
CA PRO C 29 -20.97 -30.82 24.32
C PRO C 29 -21.06 -32.23 23.77
N GLY C 30 -19.96 -32.98 23.95
CA GLY C 30 -19.90 -34.35 23.47
C GLY C 30 -19.83 -34.47 21.96
N VAL C 31 -19.40 -33.42 21.28
CA VAL C 31 -19.43 -33.36 19.82
C VAL C 31 -18.05 -32.88 19.35
N GLN C 32 -17.52 -33.54 18.32
CA GLN C 32 -16.21 -33.20 17.77
C GLN C 32 -16.35 -32.90 16.29
N LEU C 33 -15.94 -31.70 15.89
CA LEU C 33 -15.96 -31.26 14.50
C LEU C 33 -14.55 -30.93 14.04
N ARG C 34 -14.23 -31.32 12.82
CA ARG C 34 -12.97 -30.96 12.18
C ARG C 34 -13.29 -30.53 10.75
N SER C 35 -12.64 -29.46 10.30
CA SER C 35 -12.86 -28.92 8.96
C SER C 35 -11.53 -28.67 8.27
N THR C 36 -11.60 -28.55 6.98
CA THR C 36 -10.49 -28.28 6.13
C THR C 36 -10.80 -27.47 4.86
N ARG C 37 -9.85 -26.72 4.42
CA ARG C 37 -9.93 -26.02 3.19
C ARG C 37 -9.17 -26.91 2.23
N PHE C 38 -9.73 -27.23 1.11
CA PHE C 38 -9.09 -28.11 0.20
C PHE C 38 -9.12 -27.59 -1.21
N ASP C 39 -8.11 -27.88 -1.98
CA ASP C 39 -8.04 -27.48 -3.39
C ASP C 39 -7.89 -28.74 -4.23
N PRO C 40 -8.90 -29.12 -5.02
CA PRO C 40 -8.78 -30.34 -5.83
C PRO C 40 -7.62 -30.33 -6.80
N ALA C 41 -7.25 -29.16 -7.36
CA ALA C 41 -6.19 -29.10 -8.35
C ALA C 41 -4.83 -29.50 -7.78
N LEU C 42 -4.64 -29.40 -6.47
CA LEU C 42 -3.40 -29.76 -5.82
C LEU C 42 -3.38 -31.21 -5.34
N LEU C 43 -4.29 -32.04 -5.83
CA LEU C 43 -4.32 -33.44 -5.45
C LEU C 43 -3.21 -34.19 -6.16
N GLN C 44 -2.43 -34.95 -5.42
CA GLN C 44 -1.33 -35.72 -5.96
C GLN C 44 -1.71 -37.20 -6.02
N PRO C 45 -1.06 -37.98 -6.89
CA PRO C 45 -1.47 -39.39 -7.06
C PRO C 45 -1.45 -40.20 -5.78
N GLY C 46 -0.37 -40.12 -4.99
CA GLY C 46 -0.25 -40.98 -3.83
C GLY C 46 -0.78 -40.39 -2.53
N ASP C 47 -1.81 -39.55 -2.61
CA ASP C 47 -2.32 -38.88 -1.41
C ASP C 47 -3.11 -39.84 -0.53
N PHE C 48 -3.86 -40.77 -1.11
CA PHE C 48 -4.57 -41.77 -0.30
C PHE C 48 -3.58 -42.65 0.46
N ALA C 49 -2.48 -43.06 -0.18
CA ALA C 49 -1.46 -43.82 0.52
C ALA C 49 -0.76 -42.96 1.58
N LEU C 50 -0.55 -41.68 1.29
CA LEU C 50 0.00 -40.78 2.31
C LEU C 50 -0.93 -40.68 3.51
N ALA C 51 -2.20 -40.36 3.26
CA ALA C 51 -3.17 -40.19 4.34
C ALA C 51 -3.53 -41.51 5.02
N GLY C 52 -3.16 -42.65 4.44
CA GLY C 52 -3.51 -43.92 5.01
C GLY C 52 -4.96 -44.30 4.85
N ILE C 53 -5.65 -43.72 3.88
CA ILE C 53 -7.05 -44.02 3.61
C ILE C 53 -7.14 -44.77 2.29
N GLN C 54 -7.79 -45.92 2.31
CA GLN C 54 -8.00 -46.69 1.10
C GLN C 54 -9.38 -46.36 0.53
N PRO C 55 -9.45 -45.78 -0.66
CA PRO C 55 -10.75 -45.40 -1.22
C PRO C 55 -11.46 -46.59 -1.82
N PRO C 56 -12.80 -46.55 -1.88
CA PRO C 56 -13.52 -47.60 -2.61
C PRO C 56 -13.24 -47.51 -4.11
N ALA C 57 -13.55 -48.60 -4.81
CA ALA C 57 -13.14 -48.73 -6.21
C ALA C 57 -13.73 -47.62 -7.07
N ASN C 58 -15.00 -47.30 -6.87
CA ASN C 58 -15.68 -46.30 -7.69
C ASN C 58 -15.12 -44.90 -7.52
N ILE C 59 -14.28 -44.67 -6.51
CA ILE C 59 -13.73 -43.35 -6.25
C ILE C 59 -12.29 -43.27 -6.73
N LEU C 60 -11.56 -44.38 -6.65
CA LEU C 60 -10.20 -44.41 -7.15
C LEU C 60 -10.13 -44.23 -8.66
N ARG C 61 -11.26 -44.35 -9.36
CA ARG C 61 -11.35 -44.02 -10.77
C ARG C 61 -12.30 -42.85 -11.03
N ALA C 62 -12.59 -42.07 -10.04
CA ALA C 62 -13.49 -40.99 -10.26
C ALA C 62 -12.80 -39.76 -10.68
N VAL C 63 -13.57 -38.76 -10.98
CA VAL C 63 -13.07 -37.49 -11.37
C VAL C 63 -12.28 -36.81 -10.26
N ALA C 64 -11.27 -36.05 -10.61
CA ALA C 64 -10.46 -35.37 -9.65
C ALA C 64 -11.17 -34.58 -8.54
N LYS C 65 -12.21 -33.81 -8.85
CA LYS C 65 -12.86 -33.07 -7.78
C LYS C 65 -13.52 -34.01 -6.77
N ARG C 66 -14.09 -35.11 -7.26
CA ARG C 66 -14.73 -36.08 -6.38
C ARG C 66 -13.74 -36.73 -5.43
N GLN C 67 -12.57 -37.14 -5.93
CA GLN C 67 -11.57 -37.75 -5.07
C GLN C 67 -11.10 -36.79 -3.98
N ALA C 68 -10.92 -35.51 -4.34
CA ALA C 68 -10.54 -34.52 -3.34
C ALA C 68 -11.64 -34.35 -2.28
N GLU C 69 -12.89 -34.21 -2.72
CA GLU C 69 -14.02 -34.16 -1.81
C GLU C 69 -14.01 -35.37 -0.85
N PHE C 70 -14.02 -36.55 -1.36
CA PHE C 70 -14.01 -37.71 -0.56
C PHE C 70 -12.89 -37.84 0.43
N LEU C 71 -11.69 -37.61 -0.01
CA LEU C 71 -10.53 -37.69 0.79
C LEU C 71 -10.53 -36.70 1.90
N ALA C 72 -10.96 -35.49 1.61
CA ALA C 72 -11.04 -34.40 2.54
C ALA C 72 -12.11 -34.61 3.61
N GLY C 73 -13.23 -35.15 3.21
CA GLY C 73 -14.25 -35.50 4.19
C GLY C 73 -13.79 -36.60 5.12
N ARG C 74 -13.08 -37.59 4.59
CA ARG C 74 -12.64 -38.71 5.41
C ARG C 74 -11.51 -38.29 6.36
N LEU C 75 -10.66 -37.36 5.92
CA LEU C 75 -9.64 -36.81 6.81
C LEU C 75 -10.27 -36.08 7.99
N CYS C 76 -11.38 -35.38 7.75
CA CYS C 76 -12.06 -34.66 8.81
C CYS C 76 -12.76 -35.63 9.76
N ALA C 77 -13.45 -36.63 9.20
CA ALA C 77 -14.14 -37.63 10.02
C ALA C 77 -13.15 -38.45 10.85
N ARG C 78 -12.04 -38.88 10.25
CA ARG C 78 -11.06 -39.65 10.99
C ARG C 78 -10.47 -38.83 12.12
N ALA C 79 -10.16 -37.56 11.86
CA ALA C 79 -9.63 -36.68 12.91
C ALA C 79 -10.66 -36.42 14.00
N ALA C 80 -11.92 -36.26 13.62
CA ALA C 80 -12.97 -36.00 14.58
C ALA C 80 -13.27 -37.24 15.43
N LEU C 81 -13.31 -38.42 14.81
CA LEU C 81 -13.50 -39.67 15.53
C LEU C 81 -12.35 -39.94 16.50
N PHE C 82 -11.11 -39.66 16.08
CA PHE C 82 -9.99 -39.86 16.98
C PHE C 82 -10.09 -38.95 18.19
N ALA C 83 -10.51 -37.70 17.98
CA ALA C 83 -10.64 -36.77 19.09
C ALA C 83 -11.83 -37.11 19.98
N LEU C 84 -12.85 -37.76 19.41
CA LEU C 84 -14.04 -38.12 20.16
C LEU C 84 -13.73 -39.16 21.23
N ASP C 85 -13.19 -40.31 20.83
CA ASP C 85 -12.91 -41.40 21.76
C ASP C 85 -11.50 -41.96 21.69
N GLY C 86 -10.76 -41.73 20.61
CA GLY C 86 -9.39 -42.16 20.52
C GLY C 86 -9.06 -43.23 19.50
N ARG C 87 -9.94 -43.48 18.53
CA ARG C 87 -9.68 -44.44 17.47
C ARG C 87 -9.73 -43.72 16.12
N ALA C 88 -8.68 -43.86 15.34
CA ALA C 88 -8.62 -43.28 13.99
C ALA C 88 -9.22 -44.29 13.03
N GLN C 89 -10.47 -44.05 12.63
CA GLN C 89 -11.17 -44.91 11.69
C GLN C 89 -11.84 -44.06 10.62
N THR C 90 -12.02 -44.66 9.45
CA THR C 90 -12.63 -43.99 8.32
C THR C 90 -14.00 -44.58 8.07
N PRO C 91 -15.05 -43.76 8.02
CA PRO C 91 -16.39 -44.30 7.72
C PRO C 91 -16.47 -44.76 6.27
N ALA C 92 -16.93 -46.00 6.07
CA ALA C 92 -17.11 -46.56 4.75
C ALA C 92 -18.28 -45.85 4.05
N VAL C 93 -18.60 -46.31 2.84
CA VAL C 93 -19.68 -45.76 2.04
C VAL C 93 -20.80 -46.80 1.99
N GLY C 94 -22.00 -46.40 2.41
CA GLY C 94 -23.12 -47.30 2.39
C GLY C 94 -23.73 -47.44 1.01
N GLU C 95 -24.53 -48.50 0.86
CA GLU C 95 -25.26 -48.70 -0.39
C GLU C 95 -26.21 -47.54 -0.64
N ASP C 96 -26.72 -46.93 0.42
CA ASP C 96 -27.58 -45.76 0.30
C ASP C 96 -26.80 -44.47 0.18
N ARG C 97 -25.50 -44.55 -0.12
CA ARG C 97 -24.58 -43.44 -0.31
C ARG C 97 -24.16 -42.80 1.02
N ALA C 98 -24.86 -43.08 2.13
CA ALA C 98 -24.56 -42.47 3.41
C ALA C 98 -23.30 -43.07 4.04
N PRO C 99 -22.67 -42.37 4.98
CA PRO C 99 -21.46 -42.92 5.61
C PRO C 99 -21.79 -43.97 6.64
N VAL C 100 -20.96 -45.01 6.70
CA VAL C 100 -21.11 -46.09 7.66
C VAL C 100 -20.22 -45.77 8.85
N TRP C 101 -20.84 -45.45 9.98
CA TRP C 101 -20.12 -45.04 11.18
C TRP C 101 -19.83 -46.24 12.07
N PRO C 102 -18.84 -46.13 12.95
CA PRO C 102 -18.58 -47.23 13.91
C PRO C 102 -19.78 -47.46 14.81
N ALA C 103 -19.70 -48.54 15.58
CA ALA C 103 -20.77 -48.90 16.50
C ALA C 103 -21.02 -47.77 17.50
N ALA C 104 -22.30 -47.40 17.64
CA ALA C 104 -22.73 -46.39 18.61
C ALA C 104 -22.08 -45.03 18.38
N ILE C 105 -21.84 -44.68 17.12
CA ILE C 105 -21.36 -43.35 16.74
C ILE C 105 -22.34 -42.78 15.72
N SER C 106 -22.64 -41.48 15.85
CA SER C 106 -23.41 -40.75 14.87
C SER C 106 -22.55 -39.65 14.26
N GLY C 107 -22.84 -39.30 13.02
CA GLY C 107 -21.95 -38.40 12.30
C GLY C 107 -22.56 -37.86 11.04
N SER C 108 -21.92 -36.80 10.53
CA SER C 108 -22.33 -36.17 9.29
C SER C 108 -21.09 -35.66 8.58
N ILE C 109 -21.17 -35.58 7.25
CA ILE C 109 -20.07 -35.06 6.44
C ILE C 109 -20.68 -34.12 5.41
N THR C 110 -20.05 -32.96 5.23
CA THR C 110 -20.46 -32.01 4.20
C THR C 110 -19.21 -31.48 3.52
N HIS C 111 -19.33 -31.23 2.21
CA HIS C 111 -18.27 -30.53 1.49
C HIS C 111 -18.89 -29.82 0.30
N GLY C 112 -18.65 -28.52 0.22
CA GLY C 112 -19.00 -27.75 -0.96
C GLY C 112 -17.79 -27.59 -1.86
N ASP C 113 -17.55 -26.37 -2.33
CA ASP C 113 -16.35 -26.05 -3.10
C ASP C 113 -15.33 -25.43 -2.15
N ARG C 114 -14.16 -26.07 -2.04
CA ARG C 114 -13.01 -25.63 -1.26
C ARG C 114 -13.18 -25.76 0.25
N TRP C 115 -14.26 -26.36 0.75
CA TRP C 115 -14.45 -26.47 2.19
C TRP C 115 -15.12 -27.79 2.54
N ALA C 116 -14.55 -28.50 3.53
CA ALA C 116 -15.07 -29.79 3.98
C ALA C 116 -15.15 -29.81 5.49
N ALA C 117 -16.08 -30.60 6.02
CA ALA C 117 -16.20 -30.76 7.46
C ALA C 117 -16.97 -32.03 7.79
N ALA C 118 -16.53 -32.71 8.83
CA ALA C 118 -17.23 -33.86 9.37
C ALA C 118 -17.45 -33.64 10.87
N LEU C 119 -18.49 -34.27 11.38
CA LEU C 119 -18.95 -34.08 12.75
C LEU C 119 -19.32 -35.44 13.31
N VAL C 120 -18.89 -35.73 14.54
CA VAL C 120 -19.15 -37.02 15.15
C VAL C 120 -19.60 -36.83 16.60
N ALA C 121 -20.23 -37.87 17.14
CA ALA C 121 -20.67 -37.88 18.53
C ALA C 121 -21.13 -39.28 18.88
N ALA C 122 -21.06 -39.59 20.18
CA ALA C 122 -21.64 -40.83 20.69
C ALA C 122 -23.15 -40.76 20.58
N ARG C 123 -23.78 -41.92 20.30
CA ARG C 123 -25.21 -41.92 20.05
C ARG C 123 -26.00 -41.74 21.33
N GLY C 124 -25.45 -42.14 22.48
CA GLY C 124 -26.06 -41.83 23.77
C GLY C 124 -26.12 -40.35 24.07
N ASP C 125 -25.41 -39.53 23.31
CA ASP C 125 -25.46 -38.07 23.43
C ASP C 125 -26.22 -37.41 22.30
N TRP C 126 -26.08 -37.90 21.07
CA TRP C 126 -26.81 -37.38 19.93
C TRP C 126 -27.16 -38.55 19.02
N ARG C 127 -28.45 -38.88 18.95
CA ARG C 127 -28.89 -39.98 18.09
C ARG C 127 -28.62 -39.69 16.62
N GLY C 128 -28.71 -38.44 16.25
CA GLY C 128 -28.47 -38.06 14.91
C GLY C 128 -27.83 -36.74 14.72
N LEU C 129 -27.03 -36.60 13.68
CA LEU C 129 -26.37 -35.37 13.33
C LEU C 129 -26.38 -35.09 11.86
N GLY C 130 -26.67 -33.85 11.49
CA GLY C 130 -26.72 -33.40 10.14
C GLY C 130 -26.01 -32.07 9.98
N LEU C 131 -25.08 -32.03 9.06
CA LEU C 131 -24.24 -30.86 8.80
C LEU C 131 -24.24 -30.56 7.31
N ASP C 132 -24.40 -29.29 6.95
CA ASP C 132 -24.50 -28.96 5.53
C ASP C 132 -23.98 -27.55 5.27
N VAL C 133 -23.06 -27.45 4.31
CA VAL C 133 -22.54 -26.17 3.82
C VAL C 133 -23.13 -25.91 2.45
N GLU C 134 -23.37 -24.64 2.15
CA GLU C 134 -23.95 -24.22 0.89
C GLU C 134 -23.35 -22.88 0.49
N THR C 135 -22.97 -22.76 -0.78
CA THR C 135 -22.63 -21.46 -1.32
C THR C 135 -23.85 -20.56 -1.31
N LEU C 136 -23.69 -19.35 -0.77
CA LEU C 136 -24.76 -18.37 -0.77
C LEU C 136 -25.25 -18.09 -2.17
N LEU C 137 -26.56 -18.12 -2.35
CA LEU C 137 -27.18 -17.80 -3.64
C LEU C 137 -27.45 -16.30 -3.72
N GLU C 138 -27.27 -15.75 -4.92
CA GLU C 138 -27.55 -14.35 -5.14
C GLU C 138 -29.06 -14.13 -5.25
N ALA C 139 -29.45 -12.89 -5.04
CA ALA C 139 -30.81 -12.49 -5.08
C ALA C 139 -31.56 -13.01 -6.23
N GLU C 140 -31.02 -12.91 -7.41
CA GLU C 140 -31.76 -13.36 -8.55
C GLU C 140 -31.85 -14.84 -8.67
N ARG C 141 -30.86 -15.56 -8.22
CA ARG C 141 -30.90 -16.99 -8.34
C ARG C 141 -31.88 -17.57 -7.39
N ALA C 142 -31.80 -17.10 -6.16
CA ALA C 142 -32.68 -17.57 -5.09
C ALA C 142 -34.14 -17.36 -5.42
N ARG C 143 -34.44 -16.27 -6.05
CA ARG C 143 -35.77 -15.97 -6.41
C ARG C 143 -36.30 -16.93 -7.43
N TYR C 144 -35.49 -17.31 -8.37
CA TYR C 144 -35.86 -18.27 -9.40
C TYR C 144 -35.90 -19.70 -8.86
N LEU C 145 -35.26 -19.94 -7.72
CA LEU C 145 -35.26 -21.29 -7.16
C LEU C 145 -36.11 -21.43 -5.92
N HIS C 146 -36.59 -20.32 -5.34
CA HIS C 146 -37.25 -20.40 -4.05
C HIS C 146 -38.47 -21.32 -4.09
N GLY C 147 -39.18 -21.35 -5.21
CA GLY C 147 -40.38 -22.17 -5.32
C GLY C 147 -40.15 -23.65 -5.11
N GLU C 148 -38.92 -24.11 -5.34
CA GLU C 148 -38.58 -25.52 -5.19
C GLU C 148 -37.91 -25.84 -3.86
N ILE C 149 -37.54 -24.83 -3.07
CA ILE C 149 -36.89 -25.06 -1.79
C ILE C 149 -37.85 -24.70 -0.67
N LEU C 150 -38.76 -23.75 -0.94
CA LEU C 150 -39.71 -23.27 0.05
C LEU C 150 -41.10 -23.80 -0.29
N THR C 151 -41.79 -24.32 0.72
CA THR C 151 -43.20 -24.68 0.60
C THR C 151 -44.05 -23.41 0.55
N GLU C 152 -45.29 -23.56 0.08
CA GLU C 152 -46.18 -22.40 -0.04
C GLU C 152 -46.41 -21.73 1.31
N GLY C 153 -46.35 -22.48 2.42
CA GLY C 153 -46.45 -21.89 3.73
C GLY C 153 -45.19 -21.16 4.16
N GLU C 154 -44.01 -21.60 3.71
CA GLU C 154 -42.78 -20.88 4.02
C GLU C 154 -42.69 -19.56 3.26
N ARG C 155 -43.17 -19.54 2.01
CA ARG C 155 -43.12 -18.32 1.21
C ARG C 155 -44.01 -17.24 1.80
N LEU C 156 -45.08 -17.63 2.50
CA LEU C 156 -45.96 -16.64 3.12
C LEU C 156 -45.44 -16.23 4.49
N ARG C 157 -44.88 -17.18 5.23
CA ARG C 157 -44.33 -16.90 6.56
C ARG C 157 -43.17 -15.92 6.49
N PHE C 158 -42.32 -16.03 5.46
CA PHE C 158 -41.15 -15.19 5.30
C PHE C 158 -41.27 -14.33 4.05
N ALA C 159 -42.46 -13.78 3.80
CA ALA C 159 -42.68 -12.98 2.60
C ALA C 159 -41.88 -11.68 2.62
N ASP C 160 -41.43 -11.23 3.79
CA ASP C 160 -40.58 -10.05 3.86
C ASP C 160 -39.13 -10.38 3.54
N ASP C 161 -38.62 -11.50 4.07
CA ASP C 161 -37.27 -11.95 3.72
C ASP C 161 -37.18 -12.43 2.28
N LEU C 162 -38.30 -12.84 1.68
CA LEU C 162 -38.28 -13.27 0.29
C LEU C 162 -38.00 -12.12 -0.67
N GLU C 163 -38.26 -10.88 -0.26
CA GLU C 163 -37.99 -9.72 -1.09
C GLU C 163 -36.81 -8.88 -0.64
N ARG C 164 -36.49 -8.89 0.65
CA ARG C 164 -35.39 -8.11 1.20
C ARG C 164 -34.10 -8.93 1.34
N ARG C 165 -34.16 -10.07 2.03
CA ARG C 165 -33.00 -10.94 2.18
C ARG C 165 -33.21 -12.22 1.39
N THR C 166 -33.45 -12.10 0.08
CA THR C 166 -33.92 -13.25 -0.71
C THR C 166 -32.87 -14.34 -0.76
N GLY C 167 -31.62 -13.99 -1.09
CA GLY C 167 -30.58 -15.00 -1.22
C GLY C 167 -30.31 -15.72 0.10
N LEU C 168 -30.28 -14.98 1.20
CA LEU C 168 -30.00 -15.58 2.51
C LEU C 168 -31.11 -16.54 2.91
N LEU C 169 -32.37 -16.15 2.71
CA LEU C 169 -33.49 -16.95 3.17
C LEU C 169 -33.55 -18.30 2.45
N VAL C 170 -33.22 -18.32 1.16
CA VAL C 170 -33.37 -19.54 0.38
C VAL C 170 -32.17 -20.47 0.60
N THR C 171 -30.96 -19.90 0.72
CA THR C 171 -29.81 -20.72 1.04
C THR C 171 -29.92 -21.29 2.46
N LEU C 172 -30.49 -20.53 3.37
CA LEU C 172 -30.70 -21.00 4.74
C LEU C 172 -31.67 -22.18 4.76
N ALA C 173 -32.85 -22.00 4.18
CA ALA C 173 -33.83 -23.09 4.08
C ALA C 173 -33.24 -24.30 3.39
N PHE C 174 -32.48 -24.09 2.30
CA PHE C 174 -31.85 -25.20 1.60
C PHE C 174 -30.88 -25.94 2.50
N SER C 175 -30.01 -25.20 3.20
CA SER C 175 -29.04 -25.82 4.08
C SER C 175 -29.72 -26.54 5.24
N LEU C 176 -30.70 -25.89 5.87
CA LEU C 176 -31.33 -26.48 7.06
C LEU C 176 -32.06 -27.76 6.69
N LYS C 177 -32.76 -27.76 5.55
CA LYS C 177 -33.51 -28.96 5.15
C LYS C 177 -32.58 -30.12 4.84
N GLU C 178 -31.41 -29.86 4.26
CA GLU C 178 -30.48 -30.96 4.02
C GLU C 178 -29.78 -31.40 5.29
N SER C 179 -29.54 -30.47 6.22
CA SER C 179 -29.10 -30.86 7.56
C SER C 179 -30.13 -31.76 8.23
N LEU C 180 -31.41 -31.44 8.08
CA LEU C 180 -32.47 -32.26 8.67
C LEU C 180 -32.49 -33.65 8.06
N PHE C 181 -32.21 -33.76 6.75
CA PHE C 181 -32.21 -35.06 6.09
C PHE C 181 -31.04 -35.91 6.54
N LYS C 182 -29.88 -35.31 6.74
CA LYS C 182 -28.72 -36.10 7.18
C LYS C 182 -28.83 -36.51 8.63
N ALA C 183 -29.58 -35.76 9.44
CA ALA C 183 -29.81 -36.16 10.81
C ALA C 183 -30.85 -37.28 10.90
N LEU C 184 -31.90 -37.20 10.10
CA LEU C 184 -33.03 -38.10 10.26
C LEU C 184 -32.95 -39.34 9.37
N TYR C 185 -32.36 -39.25 8.20
CA TYR C 185 -32.29 -40.39 7.31
C TYR C 185 -31.73 -41.67 7.90
N PRO C 186 -30.64 -41.58 8.63
CA PRO C 186 -30.13 -42.76 9.28
C PRO C 186 -31.14 -43.28 10.31
N LEU C 187 -31.85 -42.43 11.05
CA LEU C 187 -32.90 -42.83 11.96
C LEU C 187 -34.13 -43.42 11.29
N VAL C 188 -34.53 -42.94 10.14
CA VAL C 188 -35.72 -43.41 9.45
C VAL C 188 -35.58 -44.16 8.15
N GLY C 189 -34.48 -44.03 7.45
CA GLY C 189 -34.20 -44.79 6.25
C GLY C 189 -35.16 -44.51 5.11
N LYS C 190 -35.94 -43.45 5.24
CA LYS C 190 -36.86 -43.00 4.21
C LYS C 190 -36.39 -41.66 3.65
N ARG C 191 -36.51 -41.49 2.35
CA ARG C 191 -36.16 -40.23 1.72
C ARG C 191 -37.34 -39.28 1.75
N PHE C 192 -37.10 -38.09 2.28
CA PHE C 192 -38.05 -36.98 2.20
C PHE C 192 -37.33 -35.80 1.57
N TYR C 193 -38.11 -34.86 1.05
CA TYR C 193 -37.55 -33.80 0.23
C TYR C 193 -37.93 -32.42 0.76
N PHE C 194 -37.62 -31.38 -0.01
CA PHE C 194 -37.78 -30.01 0.48
C PHE C 194 -39.22 -29.71 0.88
N GLU C 195 -40.19 -30.36 0.24
CA GLU C 195 -41.59 -30.11 0.53
C GLU C 195 -42.10 -30.78 1.80
N HIS C 196 -41.30 -31.68 2.39
CA HIS C 196 -41.72 -32.46 3.55
C HIS C 196 -41.23 -31.87 4.86
N ALA C 197 -40.84 -30.60 4.86
CA ALA C 197 -40.41 -29.91 6.07
C ALA C 197 -40.47 -28.41 5.78
N GLU C 198 -40.86 -27.64 6.77
CA GLU C 198 -40.93 -26.24 6.65
C GLU C 198 -40.07 -25.60 7.68
N LEU C 199 -39.63 -24.40 7.39
CA LEU C 199 -38.88 -23.63 8.31
C LEU C 199 -39.87 -22.77 9.04
N LEU C 200 -39.81 -22.79 10.35
CA LEU C 200 -40.72 -22.06 11.15
C LEU C 200 -40.24 -20.74 11.55
N GLU C 201 -38.96 -20.60 11.82
CA GLU C 201 -38.40 -19.34 12.30
C GLU C 201 -36.88 -19.40 12.19
N TRP C 202 -36.28 -18.22 12.17
CA TRP C 202 -34.83 -18.11 12.17
C TRP C 202 -34.46 -16.72 12.66
N ARG C 203 -33.43 -16.65 13.49
CA ARG C 203 -33.01 -15.40 14.09
C ARG C 203 -31.59 -15.06 13.66
N ALA C 204 -31.22 -13.79 13.83
CA ALA C 204 -29.93 -13.30 13.36
C ALA C 204 -28.76 -13.88 14.14
N ASP C 205 -28.99 -14.36 15.37
CA ASP C 205 -27.92 -14.93 16.18
C ASP C 205 -27.54 -16.35 15.75
N GLY C 206 -28.16 -16.88 14.71
CA GLY C 206 -27.81 -18.19 14.19
C GLY C 206 -28.63 -19.35 14.70
N GLN C 207 -29.90 -19.14 15.02
CA GLN C 207 -30.76 -20.22 15.47
C GLN C 207 -31.99 -20.31 14.57
N ALA C 208 -32.57 -21.51 14.51
CA ALA C 208 -33.77 -21.74 13.74
C ALA C 208 -34.52 -22.93 14.31
N ARG C 209 -35.74 -23.14 13.83
CA ARG C 209 -36.55 -24.30 14.18
C ARG C 209 -37.23 -24.81 12.92
N LEU C 210 -37.18 -26.12 12.72
CA LEU C 210 -37.81 -26.79 11.59
C LEU C 210 -39.05 -27.56 12.05
N ARG C 211 -39.92 -27.88 11.09
CA ARG C 211 -41.13 -28.64 11.37
C ARG C 211 -41.41 -29.61 10.21
N LEU C 212 -41.72 -30.86 10.56
CA LEU C 212 -42.01 -31.88 9.57
C LEU C 212 -43.44 -31.77 9.06
N LEU C 213 -43.62 -32.01 7.77
CA LEU C 213 -44.94 -32.01 7.15
C LEU C 213 -45.42 -33.40 6.77
N THR C 214 -44.67 -34.44 7.11
CA THR C 214 -45.07 -35.80 6.76
C THR C 214 -44.55 -36.77 7.81
N ASP C 215 -45.19 -37.89 7.91
CA ASP C 215 -44.79 -38.88 8.86
C ASP C 215 -43.70 -39.64 8.34
N LEU C 216 -42.63 -39.57 9.04
CA LEU C 216 -41.50 -40.25 8.61
C LEU C 216 -41.25 -41.47 9.33
N SER C 217 -41.96 -41.79 10.39
CA SER C 217 -41.89 -42.96 11.27
C SER C 217 -42.84 -42.65 12.47
N PRO C 218 -43.18 -43.64 13.28
CA PRO C 218 -44.06 -43.30 14.41
C PRO C 218 -43.50 -42.25 15.35
N GLU C 219 -42.17 -42.15 15.47
CA GLU C 219 -41.59 -41.08 16.28
C GLU C 219 -41.54 -39.77 15.51
N TRP C 220 -40.99 -39.80 14.30
CA TRP C 220 -40.82 -38.60 13.49
C TRP C 220 -42.04 -38.42 12.59
N ARG C 221 -43.16 -38.12 13.24
CA ARG C 221 -44.44 -37.94 12.58
C ARG C 221 -44.63 -36.48 12.17
N HIS C 222 -45.71 -36.26 11.41
CA HIS C 222 -46.12 -34.92 11.03
C HIS C 222 -46.24 -34.03 12.26
N GLY C 223 -45.54 -32.90 12.25
CA GLY C 223 -45.56 -31.97 13.35
C GLY C 223 -44.35 -32.01 14.25
N SER C 224 -43.46 -32.99 14.05
CA SER C 224 -42.21 -32.99 14.80
C SER C 224 -41.43 -31.71 14.52
N GLU C 225 -40.77 -31.18 15.55
CA GLU C 225 -40.07 -29.90 15.46
C GLU C 225 -38.67 -30.05 16.02
N LEU C 226 -37.69 -29.67 15.21
CA LEU C 226 -36.28 -29.82 15.56
C LEU C 226 -35.62 -28.45 15.53
N ASP C 227 -34.91 -28.13 16.62
CA ASP C 227 -34.09 -26.93 16.64
C ASP C 227 -32.88 -27.12 15.73
N ALA C 228 -32.35 -26.00 15.26
CA ALA C 228 -31.18 -26.00 14.40
C ALA C 228 -30.37 -24.74 14.66
N GLN C 229 -29.14 -24.73 14.17
CA GLN C 229 -28.30 -23.54 14.23
C GLN C 229 -27.49 -23.43 12.95
N PHE C 230 -27.13 -22.20 12.62
CA PHE C 230 -26.44 -21.91 11.36
C PHE C 230 -25.52 -20.71 11.56
N ALA C 231 -24.59 -20.57 10.62
CA ALA C 231 -23.70 -19.41 10.57
C ALA C 231 -23.43 -19.10 9.11
N VAL C 232 -23.09 -17.84 8.85
CA VAL C 232 -22.77 -17.35 7.52
C VAL C 232 -21.39 -16.72 7.56
N LEU C 233 -20.50 -17.15 6.66
CA LEU C 233 -19.18 -16.52 6.53
C LEU C 233 -18.55 -16.97 5.22
N ASP C 234 -17.87 -16.02 4.55
CA ASP C 234 -17.11 -16.28 3.33
C ASP C 234 -17.99 -16.83 2.22
N GLY C 235 -19.17 -16.21 2.04
CA GLY C 235 -20.12 -16.66 1.04
C GLY C 235 -20.71 -18.02 1.28
N ARG C 236 -20.43 -18.65 2.42
N ARG C 236 -20.44 -18.66 2.41
CA ARG C 236 -20.95 -19.98 2.74
CA ARG C 236 -20.95 -19.98 2.73
C ARG C 236 -21.98 -19.89 3.84
C ARG C 236 -21.98 -19.90 3.84
N LEU C 237 -22.93 -20.82 3.82
CA LEU C 237 -23.93 -20.96 4.86
C LEU C 237 -23.81 -22.36 5.42
N LEU C 238 -23.44 -22.47 6.69
CA LEU C 238 -23.26 -23.75 7.35
C LEU C 238 -24.33 -23.91 8.42
N SER C 239 -25.15 -24.95 8.29
CA SER C 239 -26.22 -25.23 9.23
C SER C 239 -25.99 -26.56 9.92
N LEU C 240 -26.69 -26.75 11.04
CA LEU C 240 -26.53 -27.94 11.88
C LEU C 240 -27.87 -28.34 12.48
N VAL C 241 -28.24 -29.61 12.30
CA VAL C 241 -29.37 -30.22 12.97
C VAL C 241 -28.83 -31.35 13.83
N ALA C 242 -29.03 -31.23 15.15
CA ALA C 242 -28.63 -32.24 16.11
C ALA C 242 -29.87 -32.76 16.81
N VAL C 243 -29.92 -34.08 17.00
CA VAL C 243 -31.06 -34.75 17.62
C VAL C 243 -30.55 -35.40 18.90
N GLY C 244 -31.00 -34.88 20.04
CA GLY C 244 -30.60 -35.42 21.33
C GLY C 244 -31.37 -36.65 21.75
N HIS D 3 0.07 -23.36 29.16
CA HIS D 3 -0.02 -22.10 29.89
C HIS D 3 -1.30 -21.35 29.56
N MET D 4 -2.08 -21.02 30.59
CA MET D 4 -3.46 -20.58 30.39
C MET D 4 -3.51 -19.21 29.72
N ARG D 5 -2.77 -18.23 30.25
CA ARG D 5 -2.78 -16.91 29.63
C ARG D 5 -2.27 -16.96 28.20
N ALA D 6 -1.23 -17.73 27.93
CA ALA D 6 -0.70 -17.82 26.58
C ALA D 6 -1.67 -18.51 25.64
N MET D 7 -2.56 -19.31 26.20
CA MET D 7 -3.53 -20.01 25.41
C MET D 7 -4.83 -19.27 25.32
N ASN D 8 -4.81 -18.03 25.71
CA ASN D 8 -5.93 -17.20 25.64
C ASN D 8 -5.80 -16.25 24.45
N ASP D 9 -4.76 -16.43 23.65
CA ASP D 9 -4.51 -15.57 22.45
C ASP D 9 -4.60 -16.42 21.22
N ARG D 10 -5.83 -16.51 20.70
CA ARG D 10 -6.28 -17.37 19.62
C ARG D 10 -6.12 -17.03 18.17
N LEU D 11 -6.59 -17.86 17.28
CA LEU D 11 -6.43 -17.55 15.88
C LEU D 11 -7.67 -17.02 15.28
N PRO D 12 -7.68 -15.80 14.67
CA PRO D 12 -8.91 -15.26 14.08
C PRO D 12 -9.42 -16.11 12.92
N SER D 13 -10.71 -15.94 12.63
CA SER D 13 -11.37 -16.75 11.62
C SER D 13 -10.86 -16.47 10.22
N PHE D 14 -10.23 -15.32 9.99
CA PHE D 14 -9.78 -15.06 8.62
C PHE D 14 -8.54 -15.85 8.25
N CYS D 15 -7.97 -16.61 9.18
CA CYS D 15 -6.85 -17.50 8.87
C CYS D 15 -7.25 -18.96 8.99
N THR D 16 -6.61 -19.80 8.20
CA THR D 16 -6.64 -21.24 8.39
C THR D 16 -5.65 -21.60 9.50
N PRO D 17 -5.63 -22.81 9.93
CA PRO D 17 -4.73 -23.15 11.00
C PRO D 17 -3.30 -23.07 10.57
N LEU D 18 -2.41 -22.74 11.48
CA LEU D 18 -1.04 -22.60 11.08
C LEU D 18 -0.42 -23.89 10.64
N ASP D 19 0.08 -23.86 9.43
CA ASP D 19 0.66 -24.99 8.78
C ASP D 19 2.12 -25.10 9.07
N ASP D 20 2.55 -26.24 9.52
CA ASP D 20 3.96 -26.47 9.86
C ASP D 20 4.68 -27.34 8.83
N ARG D 21 4.02 -27.66 7.72
CA ARG D 21 4.62 -28.49 6.69
C ARG D 21 5.56 -27.67 5.83
N TRP D 22 6.73 -28.22 5.56
CA TRP D 22 7.76 -27.55 4.77
C TRP D 22 7.35 -27.48 3.30
N PRO D 23 7.23 -26.28 2.70
CA PRO D 23 6.76 -26.19 1.32
C PRO D 23 7.89 -26.02 0.31
N LEU D 24 9.09 -26.48 0.64
CA LEU D 24 10.25 -26.28 -0.21
C LEU D 24 10.98 -27.60 -0.41
N PRO D 25 11.72 -27.74 -1.52
CA PRO D 25 12.32 -29.05 -1.84
C PRO D 25 13.39 -29.50 -0.86
N VAL D 26 14.17 -28.59 -0.28
CA VAL D 26 15.30 -28.95 0.55
C VAL D 26 15.04 -28.47 1.97
N ALA D 27 15.32 -29.33 2.94
CA ALA D 27 15.10 -29.02 4.34
C ALA D 27 16.28 -28.24 4.91
N LEU D 28 16.02 -27.54 6.01
CA LEU D 28 17.02 -26.70 6.67
C LEU D 28 17.04 -27.04 8.16
N PRO D 29 18.09 -27.64 8.65
CA PRO D 29 18.09 -27.90 10.06
C PRO D 29 18.08 -26.60 10.87
N GLY D 30 17.37 -26.62 11.97
CA GLY D 30 17.31 -25.47 12.82
C GLY D 30 16.38 -24.38 12.47
N VAL D 31 15.43 -24.63 11.60
CA VAL D 31 14.52 -23.62 11.18
C VAL D 31 13.09 -23.99 11.44
N GLN D 32 12.24 -23.04 11.69
CA GLN D 32 10.85 -23.31 11.85
C GLN D 32 10.07 -22.44 10.92
N LEU D 33 9.13 -23.01 10.23
CA LEU D 33 8.32 -22.28 9.27
C LEU D 33 6.86 -22.54 9.55
N ARG D 34 6.07 -21.47 9.52
CA ARG D 34 4.63 -21.53 9.71
C ARG D 34 3.97 -20.72 8.61
N SER D 35 3.01 -21.32 7.90
CA SER D 35 2.30 -20.64 6.84
C SER D 35 0.80 -20.72 7.09
N THR D 36 0.07 -19.75 6.55
CA THR D 36 -1.37 -19.73 6.68
C THR D 36 -1.99 -19.16 5.41
N ARG D 37 -3.22 -19.59 5.14
CA ARG D 37 -4.07 -18.98 4.13
C ARG D 37 -5.06 -18.06 4.83
N PHE D 38 -5.11 -16.81 4.38
CA PHE D 38 -5.99 -15.82 4.99
C PHE D 38 -6.81 -15.12 3.93
N ASP D 39 -7.94 -14.56 4.34
CA ASP D 39 -8.80 -13.77 3.46
C ASP D 39 -9.09 -12.45 4.16
N PRO D 40 -8.70 -11.31 3.59
CA PRO D 40 -8.92 -10.02 4.27
C PRO D 40 -10.39 -9.67 4.45
N ALA D 41 -11.29 -10.25 3.66
CA ALA D 41 -12.71 -9.94 3.82
C ALA D 41 -13.26 -10.47 5.14
N LEU D 42 -12.71 -11.57 5.64
CA LEU D 42 -13.13 -12.17 6.89
C LEU D 42 -12.51 -11.51 8.11
N LEU D 43 -11.78 -10.42 7.93
CA LEU D 43 -11.18 -9.72 9.06
C LEU D 43 -12.25 -8.93 9.81
N GLN D 44 -12.20 -9.03 11.14
CA GLN D 44 -13.19 -8.41 12.00
C GLN D 44 -12.50 -7.65 13.12
N PRO D 45 -13.11 -6.58 13.63
CA PRO D 45 -12.51 -5.86 14.75
C PRO D 45 -12.34 -6.77 15.96
N GLY D 46 -11.24 -6.56 16.69
CA GLY D 46 -10.90 -7.39 17.82
C GLY D 46 -10.03 -8.58 17.48
N ASP D 47 -9.80 -8.86 16.20
CA ASP D 47 -8.93 -9.96 15.81
C ASP D 47 -7.52 -9.74 16.32
N PHE D 48 -7.04 -8.49 16.33
CA PHE D 48 -5.77 -8.20 16.97
C PHE D 48 -5.85 -8.49 18.47
N ALA D 49 -7.00 -8.18 19.08
CA ALA D 49 -7.17 -8.40 20.52
C ALA D 49 -7.29 -9.88 20.86
N LEU D 50 -7.92 -10.67 19.97
CA LEU D 50 -8.04 -12.10 20.26
C LEU D 50 -6.77 -12.85 19.91
N ALA D 51 -6.02 -12.38 18.90
CA ALA D 51 -4.74 -12.99 18.58
C ALA D 51 -3.68 -12.72 19.63
N GLY D 52 -3.82 -11.65 20.40
CA GLY D 52 -2.84 -11.32 21.41
C GLY D 52 -1.68 -10.49 20.93
N ILE D 53 -1.68 -10.08 19.67
CA ILE D 53 -0.67 -9.18 19.16
C ILE D 53 -1.22 -7.76 19.20
N GLN D 54 -0.35 -6.80 19.53
CA GLN D 54 -0.74 -5.40 19.55
C GLN D 54 -0.25 -4.73 18.28
N PRO D 55 -1.13 -4.20 17.44
CA PRO D 55 -0.68 -3.54 16.22
C PRO D 55 -0.10 -2.17 16.52
N PRO D 56 1.02 -1.81 15.90
CA PRO D 56 1.52 -0.44 16.02
C PRO D 56 0.56 0.53 15.34
N ALA D 57 0.75 1.81 15.65
CA ALA D 57 -0.16 2.85 15.14
C ALA D 57 -0.16 2.92 13.62
N ASN D 58 0.91 2.45 12.98
CA ASN D 58 0.96 2.46 11.52
C ASN D 58 -0.14 1.59 10.92
N ILE D 59 -0.26 0.34 11.38
CA ILE D 59 -1.22 -0.59 10.81
C ILE D 59 -2.64 -0.31 11.29
N LEU D 60 -2.80 0.15 12.53
CA LEU D 60 -4.13 0.36 13.10
C LEU D 60 -4.98 1.30 12.24
N ARG D 61 -4.34 2.28 11.60
CA ARG D 61 -5.04 3.23 10.73
C ARG D 61 -4.82 2.93 9.25
N ALA D 62 -4.51 1.69 8.91
CA ALA D 62 -4.27 1.29 7.53
C ALA D 62 -5.49 0.58 6.96
N VAL D 63 -5.38 0.18 5.69
CA VAL D 63 -6.47 -0.52 5.03
C VAL D 63 -6.62 -1.92 5.60
N ALA D 64 -7.83 -2.49 5.46
CA ALA D 64 -8.06 -3.85 5.93
C ALA D 64 -7.09 -4.82 5.28
N LYS D 65 -6.84 -4.66 3.98
CA LYS D 65 -5.91 -5.57 3.30
C LYS D 65 -4.52 -5.52 3.94
N ARG D 66 -4.08 -4.34 4.34
CA ARG D 66 -2.79 -4.23 5.03
C ARG D 66 -2.86 -4.86 6.42
N GLN D 67 -3.90 -4.51 7.19
CA GLN D 67 -4.04 -5.05 8.55
C GLN D 67 -4.13 -6.58 8.53
N ALA D 68 -4.79 -7.13 7.54
CA ALA D 68 -4.89 -8.56 7.40
C ALA D 68 -3.52 -9.22 7.10
N GLU D 69 -2.72 -8.68 6.21
CA GLU D 69 -1.42 -9.23 5.92
C GLU D 69 -0.55 -9.13 7.09
N PHE D 70 -0.59 -8.01 7.75
CA PHE D 70 0.23 -7.84 8.89
C PHE D 70 -0.09 -8.82 10.00
N LEU D 71 -1.34 -9.07 10.30
CA LEU D 71 -1.65 -10.00 11.34
C LEU D 71 -1.29 -11.40 10.97
N ALA D 72 -1.58 -11.76 9.75
CA ALA D 72 -1.24 -13.05 9.25
C ALA D 72 0.23 -13.27 9.33
N GLY D 73 1.02 -12.31 8.94
CA GLY D 73 2.46 -12.49 9.04
C GLY D 73 2.93 -12.67 10.46
N ARG D 74 2.45 -11.82 11.37
CA ARG D 74 2.88 -11.90 12.77
C ARG D 74 2.35 -13.14 13.45
N LEU D 75 1.21 -13.68 13.00
CA LEU D 75 0.70 -14.92 13.56
C LEU D 75 1.63 -16.07 13.25
N CYS D 76 2.12 -16.14 12.02
CA CYS D 76 3.09 -17.17 11.64
C CYS D 76 4.41 -16.97 12.39
N ALA D 77 4.91 -15.73 12.43
CA ALA D 77 6.15 -15.45 13.14
C ALA D 77 6.08 -15.89 14.60
N ARG D 78 5.00 -15.55 15.29
CA ARG D 78 4.87 -15.90 16.71
C ARG D 78 4.81 -17.40 16.90
N ALA D 79 4.03 -18.10 16.08
CA ALA D 79 3.96 -19.56 16.18
C ALA D 79 5.30 -20.20 15.86
N ALA D 80 6.03 -19.66 14.87
CA ALA D 80 7.31 -20.24 14.48
C ALA D 80 8.39 -19.98 15.53
N LEU D 81 8.43 -18.76 16.07
CA LEU D 81 9.33 -18.51 17.20
C LEU D 81 8.99 -19.40 18.38
N PHE D 82 7.69 -19.61 18.65
CA PHE D 82 7.30 -20.45 19.77
C PHE D 82 7.73 -21.89 19.56
N ALA D 83 7.66 -22.35 18.34
CA ALA D 83 8.12 -23.66 18.01
C ALA D 83 9.59 -23.84 18.11
N LEU D 84 10.33 -22.80 17.84
CA LEU D 84 11.75 -22.84 17.95
C LEU D 84 12.35 -22.85 19.34
N ASP D 85 11.95 -21.95 20.19
CA ASP D 85 12.55 -21.90 21.52
C ASP D 85 11.57 -21.71 22.66
N GLY D 86 10.32 -21.54 22.31
CA GLY D 86 9.26 -21.42 23.28
C GLY D 86 8.80 -20.01 23.60
N ARG D 87 9.27 -19.00 22.88
CA ARG D 87 8.89 -17.62 23.13
C ARG D 87 7.74 -17.22 22.20
N ALA D 88 6.70 -16.60 22.78
CA ALA D 88 5.57 -16.12 22.00
C ALA D 88 5.62 -14.61 21.83
N GLN D 89 6.68 -14.11 21.19
CA GLN D 89 6.88 -12.68 21.00
C GLN D 89 6.59 -12.31 19.55
N THR D 90 5.95 -11.15 19.36
CA THR D 90 5.67 -10.63 18.01
C THR D 90 6.78 -9.68 17.59
N PRO D 91 7.35 -9.84 16.39
CA PRO D 91 8.38 -8.91 15.93
C PRO D 91 7.84 -7.50 15.79
N ALA D 92 8.54 -6.55 16.39
CA ALA D 92 8.20 -5.15 16.19
C ALA D 92 8.46 -4.76 14.73
N VAL D 93 8.09 -3.52 14.40
CA VAL D 93 8.39 -2.94 13.10
C VAL D 93 9.47 -1.88 13.30
N GLY D 94 10.57 -2.00 12.59
CA GLY D 94 11.68 -1.07 12.65
C GLY D 94 11.57 0.10 11.68
N GLU D 95 12.40 1.13 11.83
CA GLU D 95 12.34 2.28 10.91
C GLU D 95 12.52 1.81 9.46
N ASP D 96 13.56 1.00 9.27
CA ASP D 96 13.88 0.39 7.98
C ASP D 96 12.79 -0.53 7.51
N ARG D 97 11.79 -0.69 8.35
CA ARG D 97 10.60 -1.47 8.10
C ARG D 97 10.73 -2.96 8.00
N ALA D 98 11.82 -3.46 8.52
CA ALA D 98 12.07 -4.85 8.63
C ALA D 98 11.64 -5.27 10.01
N PRO D 99 11.39 -6.55 10.20
CA PRO D 99 11.01 -6.99 11.56
C PRO D 99 12.17 -6.86 12.52
N VAL D 100 11.84 -6.63 13.79
CA VAL D 100 12.84 -6.47 14.84
C VAL D 100 12.79 -7.76 15.65
N TRP D 101 13.62 -8.73 15.25
CA TRP D 101 13.59 -10.05 15.85
C TRP D 101 14.23 -10.03 17.24
N PRO D 102 13.99 -11.08 18.05
CA PRO D 102 14.64 -11.15 19.37
C PRO D 102 16.15 -11.29 19.27
N ALA D 103 16.80 -11.42 20.43
CA ALA D 103 18.24 -11.62 20.44
C ALA D 103 18.59 -13.01 19.88
N ALA D 104 19.61 -13.04 19.03
CA ALA D 104 20.11 -14.27 18.43
C ALA D 104 19.04 -15.00 17.62
N ILE D 105 18.15 -14.24 16.99
CA ILE D 105 17.10 -14.79 16.14
C ILE D 105 17.15 -14.11 14.78
N SER D 106 17.22 -14.92 13.73
CA SER D 106 17.00 -14.44 12.36
C SER D 106 15.65 -14.95 11.87
N GLY D 107 15.02 -14.20 10.98
CA GLY D 107 13.71 -14.60 10.52
C GLY D 107 13.25 -13.77 9.35
N SER D 108 12.19 -14.24 8.70
CA SER D 108 11.66 -13.56 7.53
C SER D 108 10.15 -13.75 7.46
N ILE D 109 9.46 -12.70 7.03
CA ILE D 109 8.01 -12.69 6.90
C ILE D 109 7.68 -12.37 5.44
N THR D 110 6.76 -13.15 4.86
CA THR D 110 6.22 -12.85 3.55
C THR D 110 4.71 -13.09 3.58
N HIS D 111 3.97 -12.25 2.88
CA HIS D 111 2.53 -12.45 2.75
C HIS D 111 2.09 -11.97 1.38
N GLY D 112 1.50 -12.88 0.60
CA GLY D 112 0.99 -12.56 -0.72
C GLY D 112 -0.43 -12.07 -0.64
N ASP D 113 -1.24 -12.43 -1.64
CA ASP D 113 -2.60 -11.93 -1.70
C ASP D 113 -3.50 -12.65 -0.69
N ARG D 114 -3.40 -13.98 -0.63
CA ARG D 114 -4.15 -14.78 0.33
C ARG D 114 -3.28 -15.92 0.85
N TRP D 115 -2.03 -15.62 1.19
CA TRP D 115 -1.09 -16.63 1.65
C TRP D 115 0.02 -15.90 2.41
N ALA D 116 0.38 -16.44 3.57
CA ALA D 116 1.42 -15.84 4.39
C ALA D 116 2.29 -16.94 4.96
N ALA D 117 3.46 -16.55 5.47
CA ALA D 117 4.38 -17.47 6.12
C ALA D 117 5.46 -16.65 6.81
N ALA D 118 6.21 -17.33 7.68
CA ALA D 118 7.33 -16.70 8.36
C ALA D 118 8.32 -17.79 8.75
N LEU D 119 9.60 -17.47 8.62
CA LEU D 119 10.70 -18.36 8.97
C LEU D 119 11.44 -17.75 10.14
N VAL D 120 11.91 -18.59 11.06
CA VAL D 120 12.74 -18.15 12.18
C VAL D 120 13.84 -19.17 12.39
N ALA D 121 14.95 -18.71 12.96
CA ALA D 121 16.06 -19.59 13.30
C ALA D 121 16.96 -18.85 14.28
N ALA D 122 17.73 -19.62 15.04
CA ALA D 122 18.80 -19.02 15.83
C ALA D 122 19.89 -18.47 14.92
N ARG D 123 20.50 -17.36 15.33
CA ARG D 123 21.57 -16.77 14.54
C ARG D 123 22.78 -17.71 14.44
N GLY D 124 23.02 -18.51 15.47
CA GLY D 124 24.14 -19.44 15.46
C GLY D 124 24.05 -20.49 14.37
N ASP D 125 22.87 -20.66 13.78
CA ASP D 125 22.66 -21.63 12.70
C ASP D 125 22.42 -20.97 11.36
N TRP D 126 21.72 -19.85 11.30
CA TRP D 126 21.44 -19.15 10.05
C TRP D 126 21.50 -17.65 10.32
N ARG D 127 22.57 -17.00 9.83
CA ARG D 127 22.75 -15.58 10.09
C ARG D 127 21.73 -14.73 9.36
N GLY D 128 21.15 -15.23 8.29
CA GLY D 128 20.12 -14.51 7.56
C GLY D 128 19.17 -15.46 6.88
N LEU D 129 17.91 -15.04 6.78
CA LEU D 129 16.87 -15.81 6.12
C LEU D 129 16.03 -14.86 5.29
N GLY D 130 15.79 -15.23 4.04
CA GLY D 130 14.94 -14.43 3.18
C GLY D 130 13.87 -15.28 2.54
N LEU D 131 12.61 -14.93 2.78
CA LEU D 131 11.46 -15.69 2.30
C LEU D 131 10.57 -14.76 1.53
N ASP D 132 10.14 -15.18 0.35
CA ASP D 132 9.28 -14.33 -0.47
C ASP D 132 8.38 -15.18 -1.34
N VAL D 133 7.08 -14.87 -1.29
CA VAL D 133 6.09 -15.49 -2.15
C VAL D 133 5.61 -14.44 -3.14
N GLU D 134 5.38 -14.88 -4.38
CA GLU D 134 4.86 -14.02 -5.43
C GLU D 134 3.86 -14.82 -6.26
N THR D 135 2.76 -14.17 -6.63
CA THR D 135 1.81 -14.82 -7.52
C THR D 135 2.37 -14.89 -8.94
N LEU D 136 2.17 -16.04 -9.58
CA LEU D 136 2.67 -16.28 -10.93
C LEU D 136 2.21 -15.19 -11.88
N LEU D 137 3.18 -14.52 -12.51
CA LEU D 137 2.88 -13.43 -13.43
C LEU D 137 2.37 -13.99 -14.75
N GLU D 138 1.46 -13.23 -15.37
CA GLU D 138 0.92 -13.64 -16.65
C GLU D 138 1.99 -13.58 -17.74
N ALA D 139 1.92 -14.50 -18.71
CA ALA D 139 2.87 -14.51 -19.82
C ALA D 139 2.99 -13.13 -20.47
N GLU D 140 1.87 -12.45 -20.69
CA GLU D 140 1.89 -11.17 -21.40
C GLU D 140 2.39 -10.04 -20.50
N ARG D 141 2.01 -10.04 -19.22
CA ARG D 141 2.43 -8.97 -18.33
C ARG D 141 3.90 -9.10 -17.93
N ALA D 142 4.37 -10.34 -17.75
CA ALA D 142 5.77 -10.55 -17.37
C ALA D 142 6.73 -9.92 -18.37
N ARG D 143 6.32 -9.82 -19.64
CA ARG D 143 7.13 -9.12 -20.63
C ARG D 143 7.24 -7.64 -20.31
N TYR D 144 6.16 -7.05 -19.78
CA TYR D 144 6.19 -5.62 -19.46
C TYR D 144 7.15 -5.30 -18.32
N LEU D 145 7.41 -6.26 -17.45
CA LEU D 145 8.28 -6.05 -16.30
C LEU D 145 9.65 -6.69 -16.44
N HIS D 146 9.85 -7.55 -17.45
CA HIS D 146 11.09 -8.32 -17.51
C HIS D 146 12.31 -7.41 -17.61
N GLY D 147 12.17 -6.26 -18.27
CA GLY D 147 13.29 -5.33 -18.38
C GLY D 147 13.62 -4.62 -17.10
N GLU D 148 12.70 -4.59 -16.14
CA GLU D 148 12.95 -3.96 -14.85
C GLU D 148 13.45 -4.93 -13.80
N ILE D 149 13.23 -6.24 -13.99
CA ILE D 149 13.62 -7.23 -13.02
C ILE D 149 14.88 -8.00 -13.44
N LEU D 150 15.10 -8.18 -14.74
CA LEU D 150 16.23 -8.95 -15.23
C LEU D 150 17.25 -8.01 -15.87
N THR D 151 18.52 -8.21 -15.57
CA THR D 151 19.59 -7.55 -16.31
C THR D 151 19.70 -8.17 -17.70
N GLU D 152 20.37 -7.44 -18.60
CA GLU D 152 20.52 -7.95 -19.96
C GLU D 152 21.30 -9.25 -19.98
N GLY D 153 22.25 -9.42 -19.05
CA GLY D 153 22.94 -10.70 -18.95
C GLY D 153 22.03 -11.83 -18.50
N GLU D 154 21.01 -11.50 -17.70
CA GLU D 154 19.98 -12.50 -17.38
C GLU D 154 19.06 -12.75 -18.56
N ARG D 155 18.71 -11.69 -19.30
CA ARG D 155 17.78 -11.83 -20.42
C ARG D 155 18.43 -12.52 -21.62
N LEU D 156 19.75 -12.54 -21.68
CA LEU D 156 20.49 -13.28 -22.70
C LEU D 156 20.71 -14.74 -22.29
N ARG D 157 21.13 -14.95 -21.04
CA ARG D 157 21.39 -16.30 -20.55
C ARG D 157 20.12 -17.15 -20.63
N PHE D 158 19.01 -16.66 -20.09
CA PHE D 158 17.74 -17.35 -20.11
C PHE D 158 16.83 -16.85 -21.23
N ALA D 159 17.39 -16.66 -22.42
CA ALA D 159 16.58 -16.15 -23.54
C ALA D 159 15.54 -17.17 -23.98
N ASP D 160 15.86 -18.46 -23.91
CA ASP D 160 14.90 -19.50 -24.25
C ASP D 160 13.69 -19.45 -23.33
N ASP D 161 13.94 -19.42 -22.01
CA ASP D 161 12.84 -19.37 -21.06
C ASP D 161 12.14 -18.02 -21.05
N LEU D 162 12.76 -16.97 -21.58
CA LEU D 162 12.06 -15.70 -21.73
C LEU D 162 11.02 -15.73 -22.84
N GLU D 163 11.07 -16.74 -23.70
CA GLU D 163 10.09 -16.94 -24.76
C GLU D 163 9.15 -18.10 -24.50
N ARG D 164 9.64 -19.18 -23.89
CA ARG D 164 8.78 -20.33 -23.62
C ARG D 164 8.03 -20.17 -22.30
N ARG D 165 8.73 -19.83 -21.22
CA ARG D 165 8.17 -19.78 -19.87
C ARG D 165 8.42 -18.39 -19.28
N THR D 166 7.74 -17.38 -19.83
CA THR D 166 8.02 -15.99 -19.43
C THR D 166 7.59 -15.71 -18.00
N GLY D 167 6.32 -15.95 -17.69
CA GLY D 167 5.83 -15.64 -16.36
C GLY D 167 6.60 -16.37 -15.27
N LEU D 168 6.96 -17.62 -15.53
CA LEU D 168 7.68 -18.41 -14.52
C LEU D 168 9.06 -17.84 -14.26
N LEU D 169 9.82 -17.53 -15.31
CA LEU D 169 11.18 -17.06 -15.12
C LEU D 169 11.21 -15.65 -14.52
N VAL D 170 10.25 -14.80 -14.88
CA VAL D 170 10.20 -13.45 -14.32
C VAL D 170 9.75 -13.51 -12.85
N THR D 171 8.75 -14.29 -12.58
CA THR D 171 8.31 -14.37 -11.23
C THR D 171 9.39 -14.97 -10.36
N LEU D 172 10.15 -15.91 -10.90
CA LEU D 172 11.20 -16.58 -10.12
C LEU D 172 12.33 -15.63 -9.73
N ALA D 173 12.71 -14.76 -10.66
CA ALA D 173 13.75 -13.83 -10.44
C ALA D 173 13.28 -12.78 -9.53
N PHE D 174 12.09 -12.31 -9.76
CA PHE D 174 11.48 -11.36 -8.85
C PHE D 174 11.44 -11.90 -7.42
N SER D 175 10.99 -13.15 -7.27
CA SER D 175 10.92 -13.77 -5.95
C SER D 175 12.30 -14.03 -5.37
N LEU D 176 13.24 -14.52 -6.18
CA LEU D 176 14.57 -14.83 -5.67
C LEU D 176 15.32 -13.58 -5.25
N LYS D 177 15.19 -12.50 -6.03
CA LYS D 177 15.90 -11.27 -5.69
C LYS D 177 15.30 -10.59 -4.47
N GLU D 178 14.00 -10.78 -4.23
CA GLU D 178 13.41 -10.26 -3.01
C GLU D 178 13.81 -11.11 -1.81
N SER D 179 13.97 -12.42 -2.01
CA SER D 179 14.46 -13.27 -0.92
C SER D 179 15.89 -12.92 -0.57
N LEU D 180 16.73 -12.70 -1.59
CA LEU D 180 18.10 -12.25 -1.38
C LEU D 180 18.14 -10.97 -0.54
N PHE D 181 17.37 -9.96 -0.93
CA PHE D 181 17.34 -8.70 -0.20
C PHE D 181 16.97 -8.90 1.27
N LYS D 182 15.96 -9.74 1.53
CA LYS D 182 15.55 -9.97 2.91
C LYS D 182 16.60 -10.75 3.70
N ALA D 183 17.43 -11.54 3.03
CA ALA D 183 18.44 -12.32 3.73
C ALA D 183 19.74 -11.56 3.95
N LEU D 184 20.03 -10.55 3.13
CA LEU D 184 21.29 -9.84 3.22
C LEU D 184 21.17 -8.46 3.82
N TYR D 185 20.03 -7.77 3.63
CA TYR D 185 19.88 -6.44 4.20
C TYR D 185 20.09 -6.39 5.71
N PRO D 186 19.59 -7.33 6.53
CA PRO D 186 19.91 -7.27 7.96
C PRO D 186 21.36 -7.59 8.27
N LEU D 187 22.12 -8.09 7.29
CA LEU D 187 23.54 -8.31 7.45
C LEU D 187 24.39 -7.20 6.88
N VAL D 188 23.93 -6.53 5.82
CA VAL D 188 24.71 -5.49 5.17
C VAL D 188 24.19 -4.08 5.47
N GLY D 189 22.97 -3.94 5.97
CA GLY D 189 22.47 -2.64 6.38
C GLY D 189 22.16 -1.68 5.25
N LYS D 190 22.69 -1.94 4.07
CA LYS D 190 22.48 -1.07 2.93
C LYS D 190 21.49 -1.69 1.95
N ARG D 191 20.87 -0.83 1.15
CA ARG D 191 19.87 -1.24 0.19
C ARG D 191 20.49 -1.58 -1.17
N PHE D 192 19.90 -2.57 -1.83
CA PHE D 192 20.25 -2.91 -3.20
C PHE D 192 19.00 -3.39 -3.89
N TYR D 193 19.00 -3.30 -5.22
CA TYR D 193 17.80 -3.49 -6.02
C TYR D 193 18.02 -4.60 -7.05
N PHE D 194 17.11 -4.67 -8.04
CA PHE D 194 17.12 -5.78 -8.98
C PHE D 194 18.37 -5.76 -9.86
N GLU D 195 18.90 -4.56 -10.15
CA GLU D 195 20.07 -4.42 -11.00
C GLU D 195 21.37 -4.80 -10.31
N HIS D 196 21.33 -5.05 -9.01
CA HIS D 196 22.53 -5.29 -8.21
C HIS D 196 22.80 -6.77 -7.99
N ALA D 197 22.02 -7.65 -8.60
CA ALA D 197 22.22 -9.09 -8.46
C ALA D 197 21.60 -9.79 -9.66
N GLU D 198 22.05 -11.01 -9.92
CA GLU D 198 21.60 -11.74 -11.09
C GLU D 198 21.42 -13.22 -10.74
N LEU D 199 20.45 -13.82 -11.41
CA LEU D 199 20.24 -15.26 -11.35
C LEU D 199 21.20 -15.96 -12.32
N LEU D 200 21.97 -16.91 -11.79
CA LEU D 200 22.92 -17.67 -12.59
C LEU D 200 22.30 -18.95 -13.15
N GLU D 201 21.65 -19.73 -12.29
CA GLU D 201 21.13 -21.03 -12.65
C GLU D 201 19.85 -21.24 -11.86
N TRP D 202 18.85 -21.86 -12.49
CA TRP D 202 17.58 -22.19 -11.87
C TRP D 202 17.15 -23.55 -12.45
N ARG D 203 16.93 -24.54 -11.59
CA ARG D 203 16.56 -25.83 -12.08
C ARG D 203 15.20 -26.19 -11.56
N ALA D 204 14.54 -27.09 -12.25
CA ALA D 204 13.20 -27.47 -11.92
C ALA D 204 13.04 -28.12 -10.59
N ASP D 205 14.09 -28.78 -10.11
CA ASP D 205 14.05 -29.45 -8.82
C ASP D 205 13.99 -28.47 -7.65
N GLY D 206 13.89 -27.18 -7.94
CA GLY D 206 13.84 -26.18 -6.91
C GLY D 206 15.15 -25.55 -6.51
N GLN D 207 16.24 -25.80 -7.24
CA GLN D 207 17.55 -25.24 -6.89
C GLN D 207 17.85 -24.04 -7.77
N ALA D 208 18.49 -23.03 -7.17
CA ALA D 208 18.90 -21.84 -7.91
C ALA D 208 20.11 -21.23 -7.24
N ARG D 209 20.87 -20.46 -8.02
CA ARG D 209 22.06 -19.79 -7.50
C ARG D 209 22.05 -18.35 -7.99
N LEU D 210 22.40 -17.44 -7.09
CA LEU D 210 22.44 -16.01 -7.39
C LEU D 210 23.86 -15.50 -7.29
N ARG D 211 24.11 -14.37 -7.94
CA ARG D 211 25.43 -13.73 -7.93
C ARG D 211 25.24 -12.26 -7.65
N LEU D 212 26.00 -11.74 -6.67
CA LEU D 212 26.00 -10.32 -6.39
C LEU D 212 26.80 -9.56 -7.43
N LEU D 213 26.19 -8.49 -7.97
CA LEU D 213 26.83 -7.68 -8.99
C LEU D 213 27.45 -6.41 -8.42
N THR D 214 27.37 -6.20 -7.11
CA THR D 214 27.91 -5.01 -6.47
C THR D 214 28.52 -5.38 -5.13
N ASP D 215 29.24 -4.42 -4.55
CA ASP D 215 29.83 -4.58 -3.22
C ASP D 215 28.82 -4.12 -2.18
N LEU D 216 28.37 -5.05 -1.34
CA LEU D 216 27.48 -4.72 -0.24
C LEU D 216 28.22 -4.54 1.08
N SER D 217 29.28 -5.30 1.30
CA SER D 217 30.05 -5.29 2.55
C SER D 217 31.36 -6.01 2.30
N PRO D 218 32.36 -5.88 3.19
CA PRO D 218 33.62 -6.60 2.98
C PRO D 218 33.45 -8.11 2.92
N GLU D 219 32.35 -8.66 3.43
CA GLU D 219 32.14 -10.10 3.23
C GLU D 219 31.31 -10.39 1.99
N TRP D 220 30.33 -9.53 1.69
CA TRP D 220 29.48 -9.73 0.52
C TRP D 220 29.95 -8.79 -0.59
N ARG D 221 31.09 -9.18 -1.18
CA ARG D 221 31.70 -8.42 -2.25
C ARG D 221 31.02 -8.69 -3.59
N HIS D 222 31.43 -7.95 -4.61
CA HIS D 222 31.01 -8.23 -5.97
C HIS D 222 31.39 -9.65 -6.36
N GLY D 223 30.42 -10.42 -6.84
CA GLY D 223 30.66 -11.78 -7.27
C GLY D 223 30.36 -12.85 -6.25
N SER D 224 30.00 -12.48 -5.02
CA SER D 224 29.58 -13.48 -4.04
C SER D 224 28.31 -14.18 -4.52
N GLU D 225 28.25 -15.48 -4.30
CA GLU D 225 27.13 -16.29 -4.77
C GLU D 225 26.43 -16.97 -3.61
N LEU D 226 25.12 -17.16 -3.77
CA LEU D 226 24.26 -17.70 -2.73
C LEU D 226 23.37 -18.77 -3.32
N ASP D 227 23.40 -19.96 -2.73
CA ASP D 227 22.42 -20.99 -3.07
C ASP D 227 21.04 -20.58 -2.57
N ALA D 228 20.05 -20.78 -3.40
CA ALA D 228 18.66 -20.51 -3.06
C ALA D 228 17.82 -21.69 -3.48
N GLN D 229 16.58 -21.70 -3.02
CA GLN D 229 15.62 -22.71 -3.43
C GLN D 229 14.25 -22.07 -3.60
N PHE D 230 13.37 -22.79 -4.30
CA PHE D 230 12.07 -22.26 -4.65
C PHE D 230 11.12 -23.42 -4.90
N ALA D 231 9.83 -23.11 -4.98
CA ALA D 231 8.82 -24.09 -5.32
C ALA D 231 7.62 -23.37 -5.89
N VAL D 232 6.94 -24.00 -6.80
CA VAL D 232 5.77 -23.47 -7.38
C VAL D 232 4.59 -24.09 -6.67
N LEU D 233 3.75 -23.30 -6.07
CA LEU D 233 2.65 -23.83 -5.34
C LEU D 233 1.42 -23.81 -6.16
N ASP D 234 0.47 -22.95 -5.89
CA ASP D 234 -0.73 -22.95 -6.73
C ASP D 234 -0.52 -22.16 -7.95
N GLY D 235 -0.58 -20.87 -7.77
CA GLY D 235 -0.39 -19.92 -8.81
C GLY D 235 0.61 -19.00 -8.22
N ARG D 236 1.38 -19.50 -7.32
CA ARG D 236 2.39 -18.68 -6.68
C ARG D 236 3.75 -19.34 -6.75
N LEU D 237 4.72 -18.67 -6.19
CA LEU D 237 6.07 -19.12 -6.15
C LEU D 237 6.72 -18.72 -4.88
N LEU D 238 7.30 -19.66 -4.18
CA LEU D 238 7.98 -19.38 -2.96
C LEU D 238 9.46 -19.56 -3.03
N SER D 239 10.23 -18.60 -2.59
CA SER D 239 11.68 -18.70 -2.60
C SER D 239 12.25 -18.55 -1.26
N LEU D 240 13.40 -19.13 -1.08
CA LEU D 240 14.11 -19.03 0.19
C LEU D 240 15.60 -18.88 -0.07
N VAL D 241 16.20 -17.87 0.55
CA VAL D 241 17.64 -17.71 0.62
C VAL D 241 18.03 -17.77 2.09
N ALA D 242 18.87 -18.73 2.44
CA ALA D 242 19.32 -18.91 3.82
C ALA D 242 20.83 -18.83 3.87
N VAL D 243 21.35 -17.97 4.74
CA VAL D 243 22.79 -17.71 4.87
C VAL D 243 23.26 -18.30 6.20
N GLY D 244 24.10 -19.33 6.12
CA GLY D 244 24.62 -19.98 7.31
C GLY D 244 25.97 -19.47 7.74
N1A COA E . 3.80 14.57 21.10
C2A COA E . 4.02 15.54 20.14
N3A COA E . 4.51 15.45 18.89
C4A COA E . 4.84 14.14 18.55
C5A COA E . 4.68 13.03 19.43
C6A COA E . 4.14 13.30 20.73
N6A COA E . 3.97 12.27 21.62
N7A COA E . 5.09 11.84 18.82
C8A COA E . 5.49 12.23 17.60
N9A COA E . 5.37 13.61 17.39
C1B COA E . 5.72 14.35 16.13
C2B COA E . 7.12 13.90 15.61
O2B COA E . 7.99 14.97 15.50
C3B COA E . 6.75 13.37 14.17
O3B COA E . 7.60 13.88 13.26
P3B COA E . 9.20 12.98 13.23
O7A COA E . 9.93 13.97 14.06
O8A COA E . 8.87 11.63 13.86
O9A COA E . 9.48 13.02 11.75
C4B COA E . 5.36 13.99 13.96
O4B COA E . 4.73 13.98 15.21
C5B COA E . 4.52 13.20 12.97
O5B COA E . 3.32 13.91 12.84
P1A COA E . 2.60 13.27 11.54
O1A COA E . 3.62 13.11 10.50
O2A COA E . 1.31 13.98 11.19
O3A COA E . 2.36 11.64 11.97
P2A COA E . 0.81 11.25 12.17
O4A COA E . -0.08 12.40 12.38
O5A COA E . 0.38 10.10 11.29
O6A COA E . 0.78 10.56 13.75
CBP COA E . 0.94 11.13 16.01
CCP COA E . 1.33 11.52 14.58
CDP COA E . 2.02 11.62 16.97
CEP COA E . -0.40 11.75 16.35
CAP COA E . 0.87 9.59 16.05
OAP COA E . 2.14 9.02 16.16
C9P COA E . 0.03 9.07 17.24
O9P COA E . 0.55 8.85 18.33
N8P COA E . -1.33 8.83 17.01
C7P COA E . -2.18 8.34 18.08
C6P COA E . -2.45 9.48 19.07
C5P COA E . -3.79 10.09 18.72
O5P COA E . -4.24 10.20 17.59
N4P COA E . -4.51 10.57 19.80
C3P COA E . -5.82 11.20 19.60
C2P COA E . -6.07 12.12 20.80
S1P COA E . -7.75 12.80 20.75
N1A COA F . 10.79 31.90 -29.50
C2A COA F . 11.11 31.76 -28.17
N3A COA F . 10.37 31.43 -27.10
C4A COA F . 9.06 31.20 -27.46
C5A COA F . 8.57 31.30 -28.80
C6A COA F . 9.48 31.67 -29.79
N6A COA F . 9.05 31.80 -31.09
N7A COA F . 7.20 31.02 -28.87
C8A COA F . 6.90 30.74 -27.59
N9A COA F . 7.97 30.84 -26.72
C1B COA F . 7.96 30.60 -25.28
C2B COA F . 6.74 31.34 -24.68
O2B COA F . 7.14 32.30 -23.75
C3B COA F . 5.99 30.15 -23.97
O3B COA F . 5.65 30.51 -22.70
P3B COA F . 4.14 31.58 -22.71
O7A COA F . 4.83 32.88 -22.87
O8A COA F . 3.34 31.04 -23.89
O9A COA F . 3.64 31.28 -21.31
C4B COA F . 7.11 29.09 -23.90
O4B COA F . 7.81 29.22 -25.10
C5B COA F . 6.60 27.69 -23.81
O5B COA F . 7.74 26.87 -23.99
P1A COA F . 7.31 25.42 -23.37
O1A COA F . 6.50 25.70 -22.16
O2A COA F . 8.45 24.43 -23.29
O3A COA F . 6.15 24.85 -24.44
P2A COA F . 6.83 24.15 -25.71
O4A COA F . 7.63 22.98 -25.33
O5A COA F . 5.80 24.04 -26.81
O6A COA F . 8.04 25.21 -26.40
CBP COA F . 7.92 26.04 -28.64
CCP COA F . 7.37 26.11 -27.21
CDP COA F . 7.67 27.40 -29.30
CEP COA F . 9.40 25.73 -28.64
CAP COA F . 7.15 24.91 -29.38
OAP COA F . 5.77 25.00 -29.25
C9P COA F . 7.46 24.85 -30.89
O9P COA F . 6.95 25.61 -31.70
N8P COA F . 8.33 23.85 -31.29
C7P COA F . 8.65 23.75 -32.70
C6P COA F . 9.98 24.48 -32.95
C5P COA F . 11.07 23.49 -32.67
O5P COA F . 11.01 22.57 -31.87
N4P COA F . 12.23 23.67 -33.38
C3P COA F . 13.33 22.75 -33.16
C2P COA F . 14.44 23.11 -34.13
S1P COA F . 15.95 22.22 -33.73
N1A COA G . -27.76 -39.72 4.89
C2A COA G . -26.71 -39.04 5.50
N3A COA G . -25.57 -38.53 5.00
C4A COA G . -25.50 -38.75 3.62
C5A COA G . -26.51 -39.44 2.84
C6A COA G . -27.63 -39.92 3.52
N6A COA G . -28.63 -40.58 2.84
N7A COA G . -26.15 -39.50 1.48
C8A COA G . -24.95 -38.88 1.45
N9A COA G . -24.53 -38.41 2.70
C1B COA G . -23.28 -37.68 3.02
C2B COA G . -22.08 -38.37 2.31
O2B COA G . -21.10 -38.76 3.22
C3B COA G . -21.56 -37.20 1.39
O3B COA G . -20.24 -37.10 1.53
P3B COA G . -19.38 -38.47 0.69
O7A COA G . -18.09 -37.76 0.47
O8A COA G . -19.39 -39.57 1.74
O9A COA G . -20.27 -38.61 -0.53
C4B COA G . -22.19 -35.95 2.03
O4B COA G . -23.45 -36.36 2.55
C5B COA G . -22.39 -34.87 1.02
O5B COA G . -23.34 -33.99 1.53
P1A COA G . -22.92 -32.56 0.92
O1A COA G . -21.46 -32.58 0.71
O2A COA G . -23.51 -31.36 1.62
O3A COA G . -23.47 -32.51 -0.68
P2A COA G . -25.06 -32.45 -0.67
O4A COA G . -25.55 -31.54 0.38
O5A COA G . -25.67 -32.40 -2.05
O6A COA G . -25.55 -34.01 -0.08
CBP COA G . -27.67 -34.71 0.58
CCP COA G . -26.49 -33.78 0.88
CDP COA G . -28.68 -34.56 1.69
CEP COA G . -27.19 -36.16 0.50
CAP COA G . -28.23 -34.27 -0.77
OAP COA G . -27.48 -34.71 -1.87
C9P COA G . -29.66 -34.76 -0.96
O9P COA G . -29.93 -35.93 -1.17
N8P COA G . -30.66 -33.80 -0.89
C7P COA G . -32.04 -34.23 -1.05
C6P COA G . -32.59 -34.64 0.30
C5P COA G . -33.08 -33.39 0.98
O5P COA G . -32.54 -32.29 0.92
N4P COA G . -34.24 -33.54 1.71
C3P COA G . -34.78 -32.37 2.39
C2P COA G . -35.28 -32.83 3.75
S1P COA G . -36.56 -31.71 4.37
MG MG H . -24.74 -29.10 0.63
N1A COA I . 14.67 -6.65 5.53
C2A COA I . 13.97 -7.80 5.80
N3A COA I . 12.65 -8.06 5.76
C4A COA I . 11.92 -6.95 5.39
C5A COA I . 12.50 -5.68 5.07
C6A COA I . 13.90 -5.57 5.16
N6A COA I . 14.50 -4.38 4.88
N7A COA I . 11.52 -4.74 4.74
C8A COA I . 10.38 -5.44 4.84
N9A COA I . 10.57 -6.77 5.23
C1B COA I . 9.52 -7.80 5.43
C2B COA I . 8.41 -7.23 6.37
O2B COA I . 8.19 -8.08 7.44
C3B COA I . 7.18 -7.25 5.40
O3B COA I . 6.11 -7.71 6.04
P3B COA I . 5.57 -6.51 7.28
O7A COA I . 4.16 -6.92 7.23
O8A COA I . 6.40 -6.91 8.50
O9A COA I . 5.90 -5.20 6.59
C4B COA I . 7.58 -8.30 4.39
O4B COA I . 8.96 -8.07 4.16
C5B COA I . 6.79 -8.12 3.12
O5B COA I . 7.44 -8.84 2.13
P1A COA I . 6.28 -9.25 1.07
O1A COA I . 5.02 -9.42 1.82
O2A COA I . 6.73 -10.32 0.12
O3A COA I . 5.92 -7.86 0.16
P2A COA I . 7.18 -7.47 -0.77
O4A COA I . 7.62 -8.62 -1.58
O5A COA I . 7.06 -6.09 -1.40
O6A COA I . 8.51 -7.24 0.31
CBP COA I . 10.54 -6.15 -0.06
CCP COA I . 9.61 -7.29 -0.48
CDP COA I . 10.42 -5.94 1.44
CEP COA I . 11.96 -6.53 -0.42
CAP COA I . 10.10 -4.88 -0.83
OAP COA I . 9.34 -4.00 -0.06
C9P COA I . 11.30 -4.08 -1.37
O9P COA I . 11.89 -3.26 -0.69
N8P COA I . 11.68 -4.35 -2.69
C7P COA I . 12.82 -3.62 -3.26
C6P COA I . 14.12 -4.24 -2.73
C5P COA I . 14.48 -5.40 -3.64
O5P COA I . 13.67 -6.14 -4.16
N4P COA I . 15.84 -5.56 -3.88
C3P COA I . 16.27 -6.65 -4.75
C2P COA I . 17.63 -7.14 -4.27
S1P COA I . 18.39 -8.22 -5.51
NA NA J . 3.93 -24.51 5.19
#